data_6O7G
#
_entry.id   6O7G
#
loop_
_entity.id
_entity.type
_entity.pdbx_description
1 polymer 'Histone-lysine N-methyltransferase 2D'
2 polymer 'Histone H4'
3 non-polymer 'ZINC ION'
#
loop_
_entity_poly.entity_id
_entity_poly.type
_entity_poly.pdbx_seq_one_letter_code
_entity_poly.pdbx_strand_id
1 'polypeptide(L)' GSHMSLVTCPICHAPYVEEDLLIQCRHCERWMHAGCESLFTEDDVEQAADEGFDCVSCQPYVVK B
2 'polypeptide(L)' (ACE)GKGGA(ALY)RHRKV(NH2) A
#
loop_
_chem_comp.id
_chem_comp.type
_chem_comp.name
_chem_comp.formula
ACE non-polymer 'ACETYL GROUP' 'C2 H4 O'
NH2 non-polymer 'AMINO GROUP' 'H2 N'
ZN non-polymer 'ZINC ION' 'Zn 2'
#
# COMPACT_ATOMS: atom_id res chain seq x y z
N SER A 5 -8.23 -6.42 -1.39
CA SER A 5 -8.46 -6.05 -2.78
C SER A 5 -7.24 -5.35 -3.43
N LEU A 6 -7.16 -5.38 -4.76
CA LEU A 6 -6.05 -4.87 -5.57
C LEU A 6 -6.49 -4.05 -6.79
N VAL A 7 -7.50 -4.50 -7.54
CA VAL A 7 -7.91 -3.95 -8.87
C VAL A 7 -8.75 -2.66 -8.75
N THR A 8 -8.50 -1.84 -7.73
CA THR A 8 -9.00 -0.48 -7.50
C THR A 8 -8.14 0.12 -6.39
N CYS A 9 -7.71 1.36 -6.61
CA CYS A 9 -7.07 2.19 -5.59
C CYS A 9 -8.03 3.34 -5.20
N PRO A 10 -8.76 3.22 -4.08
CA PRO A 10 -9.62 4.30 -3.57
C PRO A 10 -8.88 5.61 -3.25
N ILE A 11 -7.55 5.59 -3.11
CA ILE A 11 -6.76 6.81 -2.90
C ILE A 11 -6.62 7.61 -4.22
N CYS A 12 -6.40 6.90 -5.34
CA CYS A 12 -6.32 7.45 -6.69
C CYS A 12 -7.71 7.61 -7.37
N HIS A 13 -8.77 7.01 -6.78
CA HIS A 13 -10.12 6.84 -7.34
C HIS A 13 -10.17 5.89 -8.56
N ALA A 14 -9.41 4.79 -8.46
CA ALA A 14 -9.39 3.63 -9.36
C ALA A 14 -8.79 3.73 -10.80
N PRO A 15 -7.93 4.71 -11.20
CA PRO A 15 -7.20 4.68 -12.48
C PRO A 15 -6.00 3.71 -12.42
N TYR A 16 -6.29 2.43 -12.15
CA TYR A 16 -5.28 1.40 -11.85
C TYR A 16 -4.35 1.09 -13.04
N VAL A 17 -3.05 0.95 -12.74
CA VAL A 17 -1.98 0.51 -13.65
C VAL A 17 -0.96 -0.38 -12.90
N GLU A 18 -0.37 -1.35 -13.62
CA GLU A 18 0.64 -2.27 -13.06
C GLU A 18 2.07 -1.66 -12.98
N GLU A 19 2.30 -0.52 -13.65
CA GLU A 19 3.63 0.12 -13.72
C GLU A 19 4.13 0.66 -12.36
N ASP A 20 3.23 1.23 -11.55
CA ASP A 20 3.54 1.70 -10.19
C ASP A 20 3.50 0.55 -9.17
N LEU A 21 4.57 0.39 -8.38
CA LEU A 21 4.67 -0.63 -7.34
C LEU A 21 3.74 -0.33 -6.14
N LEU A 22 3.38 -1.38 -5.39
CA LEU A 22 2.33 -1.35 -4.36
C LEU A 22 2.79 -1.87 -2.98
N ILE A 23 1.99 -1.51 -1.98
CA ILE A 23 2.12 -1.87 -0.56
C ILE A 23 0.72 -2.17 0.01
N GLN A 24 0.61 -2.96 1.08
CA GLN A 24 -0.68 -3.31 1.71
C GLN A 24 -0.68 -3.13 3.23
N CYS A 25 -1.88 -2.90 3.78
CA CYS A 25 -2.13 -2.92 5.21
C CYS A 25 -1.91 -4.32 5.83
N ARG A 26 -1.24 -4.41 6.98
CA ARG A 26 -1.07 -5.65 7.75
C ARG A 26 -2.39 -6.20 8.32
N HIS A 27 -3.39 -5.35 8.54
CA HIS A 27 -4.69 -5.69 9.13
C HIS A 27 -5.75 -6.00 8.07
N CYS A 28 -5.85 -5.14 7.05
CA CYS A 28 -6.89 -5.19 6.03
C CYS A 28 -6.48 -5.97 4.75
N GLU A 29 -5.17 -6.11 4.49
CA GLU A 29 -4.55 -6.65 3.27
C GLU A 29 -4.84 -5.87 1.97
N ARG A 30 -5.64 -4.80 2.01
CA ARG A 30 -5.92 -3.93 0.85
C ARG A 30 -4.63 -3.32 0.32
N TRP A 31 -4.46 -3.36 -1.00
CA TRP A 31 -3.29 -2.80 -1.70
C TRP A 31 -3.51 -1.35 -2.14
N MET A 32 -2.43 -0.59 -2.17
CA MET A 32 -2.33 0.78 -2.68
C MET A 32 -0.93 1.03 -3.26
N HIS A 33 -0.78 1.99 -4.17
CA HIS A 33 0.53 2.32 -4.74
C HIS A 33 1.46 2.97 -3.71
N ALA A 34 2.77 2.94 -3.97
CA ALA A 34 3.75 3.65 -3.14
C ALA A 34 3.52 5.19 -3.15
N GLY A 35 3.21 5.75 -4.33
CA GLY A 35 3.09 7.20 -4.55
C GLY A 35 1.89 7.86 -3.83
N CYS A 36 0.75 7.19 -3.76
CA CYS A 36 -0.42 7.65 -3.01
C CYS A 36 -0.27 7.54 -1.46
N GLU A 37 0.85 7.00 -1.00
CA GLU A 37 1.30 6.98 0.40
C GLU A 37 2.66 7.72 0.58
N SER A 38 3.07 8.49 -0.43
CA SER A 38 4.31 9.31 -0.46
C SER A 38 5.62 8.51 -0.25
N LEU A 39 5.59 7.19 -0.46
CA LEU A 39 6.77 6.32 -0.40
C LEU A 39 7.58 6.45 -1.72
N PHE A 40 8.87 6.72 -1.62
CA PHE A 40 9.71 7.09 -2.77
C PHE A 40 10.17 5.92 -3.66
N THR A 41 10.43 4.74 -3.08
CA THR A 41 11.07 3.61 -3.78
C THR A 41 10.54 2.25 -3.32
N GLU A 42 10.92 1.18 -4.04
CA GLU A 42 10.66 -0.21 -3.62
C GLU A 42 11.34 -0.54 -2.27
N ASP A 43 12.53 0.01 -2.03
CA ASP A 43 13.25 -0.16 -0.74
C ASP A 43 12.55 0.61 0.39
N ASP A 44 12.00 1.80 0.11
CA ASP A 44 11.23 2.58 1.08
C ASP A 44 9.90 1.88 1.42
N VAL A 45 9.27 1.24 0.42
CA VAL A 45 8.11 0.35 0.60
C VAL A 45 8.47 -0.89 1.41
N GLU A 46 9.60 -1.55 1.15
CA GLU A 46 10.05 -2.69 1.97
C GLU A 46 10.31 -2.28 3.43
N GLN A 47 10.94 -1.12 3.65
CA GLN A 47 11.08 -0.50 4.98
C GLN A 47 9.71 -0.23 5.63
N ALA A 48 8.75 0.33 4.88
CA ALA A 48 7.41 0.64 5.39
C ALA A 48 6.60 -0.64 5.73
N ALA A 49 6.77 -1.71 4.94
CA ALA A 49 6.21 -3.03 5.21
C ALA A 49 6.83 -3.69 6.46
N ASP A 50 8.16 -3.65 6.60
CA ASP A 50 8.88 -4.18 7.76
C ASP A 50 8.55 -3.42 9.07
N GLU A 51 8.18 -2.14 8.96
CA GLU A 51 7.66 -1.31 10.05
C GLU A 51 6.22 -1.69 10.48
N GLY A 52 5.55 -2.57 9.72
CA GLY A 52 4.15 -2.97 9.93
C GLY A 52 3.19 -1.94 9.34
N PHE A 53 3.00 -1.98 8.02
CA PHE A 53 2.24 -0.95 7.28
C PHE A 53 0.72 -0.98 7.55
N ASP A 54 0.07 0.17 7.35
CA ASP A 54 -1.34 0.44 7.67
C ASP A 54 -2.02 1.23 6.54
N CYS A 55 -3.28 0.90 6.20
CA CYS A 55 -4.08 1.69 5.27
C CYS A 55 -4.56 3.02 5.87
N VAL A 56 -5.36 3.75 5.07
CA VAL A 56 -5.79 5.12 5.36
C VAL A 56 -6.64 5.22 6.64
N SER A 57 -7.58 4.29 6.86
CA SER A 57 -8.39 4.22 8.08
C SER A 57 -7.61 3.72 9.30
N CYS A 58 -6.52 2.98 9.08
CA CYS A 58 -5.69 2.44 10.15
C CYS A 58 -4.71 3.50 10.71
N GLN A 59 -4.61 4.69 10.09
CA GLN A 59 -3.89 5.84 10.66
C GLN A 59 -4.53 6.34 11.97
N PRO A 60 -5.83 6.71 12.03
CA PRO A 60 -6.48 6.99 13.31
C PRO A 60 -6.67 5.75 14.18
N TYR A 61 -7.01 4.58 13.59
CA TYR A 61 -7.42 3.41 14.39
C TYR A 61 -6.26 2.63 15.05
N VAL A 62 -5.13 2.38 14.36
CA VAL A 62 -4.08 1.45 14.86
C VAL A 62 -2.64 1.74 14.39
N VAL A 63 -2.24 3.00 14.22
CA VAL A 63 -0.95 3.34 13.58
C VAL A 63 0.27 2.74 14.31
N LYS A 64 1.09 1.97 13.58
CA LYS A 64 2.30 1.29 14.06
C LYS A 64 2.09 0.55 15.40
CA LYS B 3 0.44 -11.07 0.09
C LYS B 3 1.87 -10.57 0.14
N GLY B 4 2.48 -10.66 1.33
CA GLY B 4 3.91 -10.36 1.53
C GLY B 4 4.25 -8.88 1.73
N GLY B 5 3.26 -8.01 1.99
CA GLY B 5 3.46 -6.59 2.35
C GLY B 5 3.74 -5.64 1.18
N ALA B 6 4.55 -6.06 0.21
CA ALA B 6 4.99 -5.28 -0.95
C ALA B 6 4.85 -6.08 -2.26
OH ALY B 7 -1.42 -10.37 -6.03
CH ALY B 7 -1.80 -9.62 -5.14
CH3 ALY B 7 -3.21 -9.74 -4.60
NZ ALY B 7 -1.04 -8.68 -4.58
CE ALY B 7 0.36 -8.44 -4.89
CD ALY B 7 0.53 -7.13 -5.69
CG ALY B 7 2.01 -6.78 -5.92
CB ALY B 7 2.65 -6.21 -4.64
CA ALY B 7 4.17 -5.99 -4.66
N ALY B 7 4.55 -5.38 -3.37
C ALY B 7 4.62 -5.17 -5.87
O ALY B 7 4.40 -3.95 -5.91
HH31 ALY B 7 -3.68 -8.76 -4.57
HH32 ALY B 7 -3.17 -10.16 -3.59
HH33 ALY B 7 -3.79 -10.40 -5.24
HZ ALY B 7 -1.46 -8.11 -3.86
HE3 ALY B 7 0.91 -8.37 -3.95
HE2 ALY B 7 0.78 -9.27 -5.46
HD3 ALY B 7 0.05 -7.27 -6.66
HD2 ALY B 7 0.04 -6.31 -5.17
HG3 ALY B 7 2.56 -7.68 -6.23
HG2 ALY B 7 2.08 -6.04 -6.71
HB3 ALY B 7 2.16 -5.26 -4.41
HB2 ALY B 7 2.44 -6.89 -3.82
HA ALY B 7 4.64 -6.98 -4.74
H ALY B 7 4.44 -4.38 -3.29
N ARG B 8 5.20 -5.81 -6.89
CA ARG B 8 5.59 -5.20 -8.17
C ARG B 8 5.50 -6.21 -9.32
N HIS B 9 4.79 -5.86 -10.38
CA HIS B 9 4.55 -6.70 -11.56
C HIS B 9 5.77 -6.79 -12.49
N ARG B 10 5.85 -7.86 -13.30
CA ARG B 10 6.93 -8.10 -14.26
ZN ZN C . -3.12 4.78 -5.61
ZN ZN D . -6.09 -1.14 7.43
N SER A 5 -9.93 -5.61 -2.98
CA SER A 5 -8.72 -5.51 -2.15
C SER A 5 -7.49 -4.96 -2.89
N LEU A 6 -7.56 -4.81 -4.22
CA LEU A 6 -6.47 -4.33 -5.08
C LEU A 6 -6.95 -3.45 -6.25
N VAL A 7 -7.97 -3.87 -7.01
CA VAL A 7 -8.37 -3.23 -8.28
C VAL A 7 -9.21 -1.94 -8.13
N THR A 8 -9.12 -1.28 -6.97
CA THR A 8 -9.64 0.04 -6.66
C THR A 8 -8.74 0.64 -5.59
N CYS A 9 -8.31 1.88 -5.82
CA CYS A 9 -7.62 2.69 -4.84
C CYS A 9 -8.55 3.81 -4.34
N PRO A 10 -9.20 3.67 -3.18
CA PRO A 10 -9.98 4.74 -2.55
C PRO A 10 -9.22 6.05 -2.30
N ILE A 11 -7.89 6.01 -2.25
CA ILE A 11 -7.07 7.22 -2.07
C ILE A 11 -7.05 8.06 -3.37
N CYS A 12 -6.93 7.39 -4.52
CA CYS A 12 -6.96 7.98 -5.86
C CYS A 12 -8.40 8.12 -6.45
N HIS A 13 -9.41 7.54 -5.78
CA HIS A 13 -10.80 7.36 -6.24
C HIS A 13 -10.94 6.43 -7.47
N ALA A 14 -10.20 5.31 -7.43
CA ALA A 14 -10.28 4.16 -8.34
C ALA A 14 -9.77 4.26 -9.83
N PRO A 15 -8.89 5.20 -10.25
CA PRO A 15 -8.25 5.18 -11.58
C PRO A 15 -7.12 4.13 -11.65
N TYR A 16 -7.44 2.86 -11.41
CA TYR A 16 -6.46 1.77 -11.27
C TYR A 16 -5.65 1.55 -12.56
N VAL A 17 -4.33 1.30 -12.41
CA VAL A 17 -3.35 1.21 -13.49
C VAL A 17 -2.12 0.39 -13.04
N GLU A 18 -1.48 -0.32 -13.97
CA GLU A 18 -0.31 -1.18 -13.70
C GLU A 18 1.03 -0.42 -13.60
N GLU A 19 1.04 0.90 -13.83
CA GLU A 19 2.26 1.71 -13.99
C GLU A 19 3.10 1.84 -12.69
N ASP A 20 2.46 2.15 -11.55
CA ASP A 20 3.16 2.28 -10.25
C ASP A 20 3.27 0.95 -9.49
N LEU A 21 4.28 0.83 -8.62
CA LEU A 21 4.37 -0.26 -7.65
C LEU A 21 3.38 -0.02 -6.50
N LEU A 22 3.01 -1.09 -5.81
CA LEU A 22 1.97 -1.09 -4.79
C LEU A 22 2.48 -1.65 -3.45
N ILE A 23 1.86 -1.18 -2.38
CA ILE A 23 2.13 -1.52 -0.99
C ILE A 23 0.89 -2.16 -0.35
N GLN A 24 1.10 -3.23 0.40
CA GLN A 24 0.06 -4.00 1.10
C GLN A 24 -0.07 -3.58 2.58
N CYS A 25 -1.30 -3.43 3.07
CA CYS A 25 -1.56 -3.27 4.48
C CYS A 25 -1.30 -4.61 5.20
N ARG A 26 -0.25 -4.66 6.03
CA ARG A 26 0.13 -5.87 6.80
C ARG A 26 -0.76 -6.16 8.02
N HIS A 27 -1.95 -5.53 8.09
CA HIS A 27 -2.97 -5.78 9.11
C HIS A 27 -4.29 -6.27 8.52
N CYS A 28 -4.82 -5.60 7.49
CA CYS A 28 -6.13 -5.89 6.89
C CYS A 28 -6.11 -6.19 5.37
N GLU A 29 -4.91 -6.33 4.78
CA GLU A 29 -4.66 -6.83 3.41
C GLU A 29 -5.28 -6.03 2.24
N ARG A 30 -5.49 -4.72 2.40
CA ARG A 30 -5.84 -3.80 1.32
C ARG A 30 -4.53 -3.28 0.66
N TRP A 31 -4.40 -3.46 -0.65
CA TRP A 31 -3.35 -2.85 -1.45
C TRP A 31 -3.66 -1.41 -1.86
N MET A 32 -2.61 -0.60 -2.06
CA MET A 32 -2.66 0.73 -2.66
C MET A 32 -1.34 1.08 -3.34
N HIS A 33 -1.30 2.11 -4.19
CA HIS A 33 -0.06 2.53 -4.85
C HIS A 33 0.97 3.09 -3.86
N ALA A 34 2.25 3.05 -4.23
CA ALA A 34 3.32 3.71 -3.48
C ALA A 34 3.21 5.25 -3.52
N GLY A 35 2.84 5.83 -4.66
CA GLY A 35 2.73 7.29 -4.84
C GLY A 35 1.72 7.96 -3.92
N CYS A 36 0.54 7.36 -3.71
CA CYS A 36 -0.47 7.84 -2.75
C CYS A 36 -0.13 7.54 -1.26
N GLU A 37 1.09 7.04 -1.01
CA GLU A 37 1.72 6.88 0.30
C GLU A 37 3.12 7.53 0.37
N SER A 38 3.43 8.41 -0.59
CA SER A 38 4.64 9.26 -0.62
C SER A 38 5.96 8.48 -0.58
N LEU A 39 5.99 7.28 -1.18
CA LEU A 39 7.16 6.41 -1.32
C LEU A 39 7.34 5.96 -2.78
N PHE A 40 8.55 5.49 -3.16
CA PHE A 40 8.90 5.27 -4.57
C PHE A 40 9.63 3.96 -4.93
N THR A 41 10.04 3.13 -3.96
CA THR A 41 10.82 1.90 -4.22
C THR A 41 10.31 0.69 -3.42
N GLU A 42 10.68 -0.52 -3.84
CA GLU A 42 10.42 -1.73 -3.05
C GLU A 42 11.19 -1.73 -1.71
N ASP A 43 12.35 -1.06 -1.64
CA ASP A 43 13.08 -0.87 -0.39
C ASP A 43 12.34 0.07 0.59
N ASP A 44 11.68 1.12 0.09
CA ASP A 44 10.78 1.93 0.91
C ASP A 44 9.60 1.12 1.43
N VAL A 45 9.02 0.22 0.63
CA VAL A 45 7.96 -0.70 1.06
C VAL A 45 8.47 -1.71 2.11
N GLU A 46 9.67 -2.27 1.94
CA GLU A 46 10.28 -3.15 2.94
C GLU A 46 10.49 -2.42 4.28
N GLN A 47 10.96 -1.18 4.23
CA GLN A 47 11.01 -0.28 5.38
C GLN A 47 9.63 -0.04 6.00
N ALA A 48 8.60 0.23 5.19
CA ALA A 48 7.24 0.47 5.70
C ALA A 48 6.65 -0.78 6.37
N ALA A 49 6.90 -1.97 5.82
CA ALA A 49 6.49 -3.24 6.42
C ALA A 49 7.18 -3.49 7.77
N ASP A 50 8.48 -3.23 7.88
CA ASP A 50 9.22 -3.34 9.16
C ASP A 50 8.75 -2.30 10.20
N GLU A 51 8.30 -1.13 9.73
CA GLU A 51 7.68 -0.07 10.55
C GLU A 51 6.19 -0.34 10.91
N GLY A 52 5.65 -1.47 10.45
CA GLY A 52 4.30 -1.93 10.82
C GLY A 52 3.13 -1.29 10.04
N PHE A 53 3.34 -0.93 8.76
CA PHE A 53 2.39 -0.17 7.93
C PHE A 53 0.91 -0.66 7.97
N ASP A 54 0.03 0.24 8.40
CA ASP A 54 -1.44 0.17 8.37
C ASP A 54 -2.03 1.16 7.35
N CYS A 55 -3.20 0.83 6.79
CA CYS A 55 -3.97 1.71 5.93
C CYS A 55 -5.03 2.52 6.73
N VAL A 56 -6.28 2.47 6.25
CA VAL A 56 -7.47 3.07 6.83
C VAL A 56 -8.45 2.01 7.37
N SER A 57 -8.69 0.95 6.59
CA SER A 57 -9.74 -0.05 6.85
C SER A 57 -9.51 -0.96 8.07
N CYS A 58 -8.27 -1.06 8.54
CA CYS A 58 -7.89 -1.78 9.74
C CYS A 58 -8.52 -1.15 10.98
N GLN A 59 -8.46 0.18 11.08
CA GLN A 59 -8.95 0.94 12.23
C GLN A 59 -10.42 0.64 12.62
N PRO A 60 -11.41 0.65 11.70
CA PRO A 60 -12.78 0.23 12.02
C PRO A 60 -12.97 -1.30 12.11
N TYR A 61 -12.25 -2.10 11.30
CA TYR A 61 -12.53 -3.54 11.17
C TYR A 61 -11.64 -4.46 12.03
N VAL A 62 -10.32 -4.39 11.87
CA VAL A 62 -9.37 -5.35 12.49
C VAL A 62 -9.15 -5.14 14.00
N VAL A 63 -9.32 -3.91 14.51
CA VAL A 63 -8.95 -3.55 15.89
C VAL A 63 -9.74 -4.40 16.92
N LYS A 64 -9.00 -5.11 17.77
CA LYS A 64 -9.49 -6.05 18.79
C LYS A 64 -10.59 -6.98 18.27
CA LYS B 3 10.70 -6.09 -0.52
C LYS B 3 9.52 -6.04 0.41
N GLY B 4 9.32 -7.11 1.19
CA GLY B 4 8.18 -7.25 2.09
C GLY B 4 6.83 -7.25 1.34
N GLY B 5 5.87 -6.46 1.81
CA GLY B 5 4.52 -6.30 1.22
C GLY B 5 4.47 -5.46 -0.06
N ALA B 6 5.41 -5.65 -0.99
CA ALA B 6 5.51 -4.96 -2.28
C ALA B 6 4.92 -5.77 -3.45
OH ALY B 7 -1.87 -9.92 -6.64
CH ALY B 7 -2.09 -9.27 -5.63
CH3 ALY B 7 -3.37 -9.50 -4.86
NZ ALY B 7 -1.27 -8.36 -5.12
CE ALY B 7 0.08 -8.06 -5.63
CD ALY B 7 0.12 -6.71 -6.36
CG ALY B 7 1.56 -6.33 -6.74
CB ALY B 7 2.36 -5.85 -5.51
CA ALY B 7 3.86 -5.62 -5.70
N ALY B 7 4.40 -5.06 -4.45
C ALY B 7 4.19 -4.71 -6.88
O ALY B 7 3.98 -3.50 -6.80
HH31 ALY B 7 -3.15 -10.03 -3.93
HH32 ALY B 7 -4.06 -10.09 -5.47
HH33 ALY B 7 -3.84 -8.54 -4.62
HZ ALY B 7 -1.56 -7.88 -4.28
HE3 ALY B 7 0.75 -8.05 -4.77
HE2 ALY B 7 0.41 -8.85 -6.30
HD3 ALY B 7 -0.48 -6.79 -7.27
HD2 ALY B 7 -0.31 -5.93 -5.74
HG3 ALY B 7 2.06 -7.19 -7.20
HG2 ALY B 7 1.53 -5.52 -7.48
HB3 ALY B 7 1.90 -4.92 -5.15
HB2 ALY B 7 2.27 -6.60 -4.72
HA ALY B 7 4.32 -6.60 -5.89
H ALY B 7 4.31 -4.06 -4.33
N ARG B 8 4.69 -5.26 -8.00
CA ARG B 8 5.06 -4.48 -9.21
C ARG B 8 4.84 -5.32 -10.47
N HIS B 9 4.18 -4.73 -11.47
CA HIS B 9 3.83 -5.37 -12.74
C HIS B 9 4.99 -5.38 -13.75
N ARG B 10 4.94 -6.30 -14.73
CA ARG B 10 5.94 -6.45 -15.78
ZN ZN C . -3.67 5.27 -5.12
ZN ZN D . -5.45 -1.76 6.64
N SER A 5 -9.57 -4.01 -3.65
CA SER A 5 -8.36 -3.20 -3.85
C SER A 5 -7.46 -3.77 -4.97
N LEU A 6 -6.16 -3.46 -4.96
CA LEU A 6 -5.14 -3.81 -5.96
C LEU A 6 -5.43 -3.22 -7.36
N VAL A 7 -6.36 -3.77 -8.16
CA VAL A 7 -6.72 -3.25 -9.49
C VAL A 7 -7.56 -1.96 -9.46
N THR A 8 -7.79 -1.43 -8.25
CA THR A 8 -8.36 -0.13 -7.94
C THR A 8 -7.66 0.33 -6.67
N CYS A 9 -7.18 1.57 -6.70
CA CYS A 9 -6.67 2.29 -5.54
C CYS A 9 -7.71 3.36 -5.16
N PRO A 10 -8.59 3.13 -4.17
CA PRO A 10 -9.53 4.13 -3.66
C PRO A 10 -8.89 5.44 -3.19
N ILE A 11 -7.59 5.41 -2.86
CA ILE A 11 -6.84 6.61 -2.43
C ILE A 11 -6.58 7.55 -3.62
N CYS A 12 -6.29 7.00 -4.80
CA CYS A 12 -6.02 7.73 -6.04
C CYS A 12 -7.23 7.84 -6.99
N HIS A 13 -8.38 7.23 -6.63
CA HIS A 13 -9.60 7.07 -7.46
C HIS A 13 -9.38 6.16 -8.69
N ALA A 14 -8.71 5.03 -8.45
CA ALA A 14 -8.56 3.90 -9.36
C ALA A 14 -7.66 4.00 -10.65
N PRO A 15 -6.70 4.92 -10.81
CA PRO A 15 -5.73 4.83 -11.92
C PRO A 15 -4.80 3.63 -11.70
N TYR A 16 -4.47 2.88 -12.76
CA TYR A 16 -3.71 1.63 -12.63
C TYR A 16 -2.84 1.29 -13.86
N VAL A 17 -1.60 0.89 -13.59
CA VAL A 17 -0.60 0.39 -14.56
C VAL A 17 0.30 -0.66 -13.90
N GLU A 18 0.76 -1.65 -14.66
CA GLU A 18 1.51 -2.80 -14.12
C GLU A 18 2.92 -2.42 -13.61
N GLU A 19 3.54 -1.39 -14.19
CA GLU A 19 4.92 -0.97 -13.87
C GLU A 19 5.07 -0.25 -12.50
N ASP A 20 3.98 0.29 -11.91
CA ASP A 20 4.00 0.91 -10.59
C ASP A 20 3.94 -0.15 -9.46
N LEU A 21 4.92 -0.13 -8.56
CA LEU A 21 4.99 -1.04 -7.41
C LEU A 21 3.97 -0.67 -6.31
N LEU A 22 3.61 -1.65 -5.49
CA LEU A 22 2.52 -1.59 -4.51
C LEU A 22 2.92 -2.06 -3.11
N ILE A 23 2.10 -1.66 -2.14
CA ILE A 23 2.19 -2.00 -0.71
C ILE A 23 0.79 -2.36 -0.20
N GLN A 24 0.70 -3.26 0.78
CA GLN A 24 -0.55 -3.53 1.50
C GLN A 24 -0.47 -3.16 2.98
N CYS A 25 -1.64 -2.83 3.52
CA CYS A 25 -1.83 -2.67 4.94
C CYS A 25 -1.55 -3.99 5.67
N ARG A 26 -0.65 -3.98 6.67
CA ARG A 26 -0.32 -5.18 7.47
C ARG A 26 -1.44 -5.58 8.45
N HIS A 27 -2.55 -4.85 8.44
CA HIS A 27 -3.67 -4.98 9.40
C HIS A 27 -4.99 -5.41 8.74
N CYS A 28 -5.25 -5.00 7.50
CA CYS A 28 -6.42 -5.41 6.72
C CYS A 28 -6.12 -5.90 5.26
N GLU A 29 -4.84 -6.01 4.88
CA GLU A 29 -4.33 -6.53 3.60
C GLU A 29 -4.69 -5.77 2.30
N ARG A 30 -5.48 -4.69 2.36
CA ARG A 30 -5.82 -3.89 1.16
C ARG A 30 -4.56 -3.29 0.52
N TRP A 31 -4.47 -3.38 -0.80
CA TRP A 31 -3.34 -2.91 -1.62
C TRP A 31 -3.52 -1.49 -2.15
N MET A 32 -2.40 -0.78 -2.30
CA MET A 32 -2.29 0.56 -2.91
C MET A 32 -0.90 0.75 -3.53
N HIS A 33 -0.72 1.74 -4.41
CA HIS A 33 0.59 2.09 -4.98
C HIS A 33 1.60 2.53 -3.90
N ALA A 34 2.89 2.63 -4.26
CA ALA A 34 3.89 3.24 -3.37
C ALA A 34 3.78 4.78 -3.28
N GLY A 35 3.19 5.44 -4.28
CA GLY A 35 3.12 6.91 -4.37
C GLY A 35 2.04 7.58 -3.52
N CYS A 36 0.98 6.87 -3.14
CA CYS A 36 -0.17 7.38 -2.40
C CYS A 36 0.26 8.05 -1.07
N GLU A 37 1.08 7.33 -0.29
CA GLU A 37 1.68 7.78 0.98
C GLU A 37 3.14 8.27 0.82
N SER A 38 3.53 8.65 -0.41
CA SER A 38 4.84 9.24 -0.76
C SER A 38 6.07 8.36 -0.41
N LEU A 39 5.91 7.02 -0.45
CA LEU A 39 7.03 6.07 -0.32
C LEU A 39 7.86 6.06 -1.63
N PHE A 40 7.14 5.82 -2.74
CA PHE A 40 7.54 5.88 -4.15
C PHE A 40 8.60 4.85 -4.58
N THR A 41 9.74 4.78 -3.88
CA THR A 41 10.78 3.77 -4.11
C THR A 41 10.37 2.40 -3.59
N GLU A 42 10.96 1.34 -4.15
CA GLU A 42 10.80 -0.02 -3.62
C GLU A 42 11.37 -0.12 -2.20
N ASP A 43 12.46 0.61 -1.92
CA ASP A 43 13.09 0.66 -0.60
C ASP A 43 12.20 1.25 0.49
N ASP A 44 11.45 2.33 0.25
CA ASP A 44 10.58 2.90 1.27
C ASP A 44 9.34 2.03 1.49
N VAL A 45 8.88 1.29 0.48
CA VAL A 45 7.84 0.26 0.63
C VAL A 45 8.35 -0.95 1.43
N GLU A 46 9.51 -1.49 1.12
CA GLU A 46 10.13 -2.58 1.87
C GLU A 46 10.35 -2.22 3.35
N GLN A 47 10.81 -0.99 3.62
CA GLN A 47 10.89 -0.46 4.99
C GLN A 47 9.51 -0.33 5.62
N ALA A 48 8.56 0.35 4.95
CA ALA A 48 7.28 0.65 5.57
C ALA A 48 6.47 -0.61 5.88
N ALA A 49 6.50 -1.60 4.98
CA ALA A 49 5.84 -2.88 5.16
C ALA A 49 6.42 -3.68 6.35
N ASP A 50 7.74 -3.73 6.50
CA ASP A 50 8.40 -4.36 7.66
C ASP A 50 8.13 -3.59 8.97
N GLU A 51 7.97 -2.28 8.88
CA GLU A 51 7.61 -1.37 9.99
C GLU A 51 6.12 -1.38 10.37
N GLY A 52 5.32 -2.24 9.72
CA GLY A 52 3.90 -2.45 10.05
C GLY A 52 2.93 -1.42 9.46
N PHE A 53 3.16 -0.94 8.23
CA PHE A 53 2.33 0.02 7.48
C PHE A 53 0.80 -0.26 7.59
N ASP A 54 0.03 0.81 7.77
CA ASP A 54 -1.43 0.82 7.87
C ASP A 54 -2.09 1.75 6.83
N CYS A 55 -3.22 1.32 6.27
CA CYS A 55 -4.01 2.13 5.36
C CYS A 55 -4.74 3.29 6.08
N VAL A 56 -5.44 4.08 5.26
CA VAL A 56 -6.14 5.29 5.67
C VAL A 56 -7.32 5.00 6.63
N SER A 57 -8.01 3.88 6.44
CA SER A 57 -9.13 3.43 7.29
C SER A 57 -8.66 2.84 8.63
N CYS A 58 -7.46 2.26 8.67
CA CYS A 58 -6.91 1.66 9.87
C CYS A 58 -6.43 2.73 10.88
N GLN A 59 -6.14 3.96 10.45
CA GLN A 59 -5.79 5.05 11.36
C GLN A 59 -6.83 5.24 12.49
N PRO A 60 -8.14 5.45 12.22
CA PRO A 60 -9.16 5.41 13.27
C PRO A 60 -9.42 4.00 13.82
N TYR A 61 -9.59 2.97 12.98
CA TYR A 61 -10.07 1.66 13.49
C TYR A 61 -9.03 0.83 14.28
N VAL A 62 -7.77 0.80 13.87
CA VAL A 62 -6.71 -0.04 14.50
C VAL A 62 -6.05 0.56 15.74
N VAL A 63 -6.04 1.90 15.91
CA VAL A 63 -5.27 2.58 16.98
C VAL A 63 -5.87 3.91 17.46
N LYS A 64 -6.50 4.69 16.57
CA LYS A 64 -7.04 6.04 16.84
C LYS A 64 -6.02 6.98 17.49
CA LYS B 3 9.08 -9.03 5.80
C LYS B 3 7.71 -9.08 5.15
N GLY B 4 7.68 -9.26 3.83
CA GLY B 4 6.45 -9.30 3.02
C GLY B 4 5.75 -7.94 2.89
N GLY B 5 4.48 -7.96 2.49
CA GLY B 5 3.60 -6.76 2.43
C GLY B 5 3.79 -5.85 1.20
N ALA B 6 4.57 -6.29 0.21
CA ALA B 6 4.93 -5.52 -1.00
C ALA B 6 4.75 -6.34 -2.29
OH ALY B 7 -0.94 -10.40 -6.87
CH ALY B 7 -1.53 -10.06 -5.85
CH3 ALY B 7 -2.90 -10.61 -5.54
NZ ALY B 7 -1.02 -9.22 -4.96
CE ALY B 7 0.35 -8.74 -4.97
CD ALY B 7 0.49 -7.46 -5.80
CG ALY B 7 1.97 -7.06 -5.99
CB ALY B 7 2.58 -6.52 -4.68
CA ALY B 7 4.11 -6.31 -4.70
N ALY B 7 4.47 -5.68 -3.41
C ALY B 7 4.58 -5.48 -5.91
O ALY B 7 4.55 -4.26 -5.87
HH31 ALY B 7 -3.27 -11.17 -6.40
HH32 ALY B 7 -3.58 -9.81 -5.29
HH33 ALY B 7 -2.83 -11.30 -4.69
HZ ALY B 7 -1.59 -8.98 -4.15
HE3 ALY B 7 0.66 -8.54 -3.94
HE2 ALY B 7 1.00 -9.51 -5.37
HD3 ALY B 7 0.06 -7.62 -6.79
HD2 ALY B 7 -0.05 -6.64 -5.31
HG3 ALY B 7 2.53 -7.93 -6.32
HG2 ALY B 7 2.02 -6.29 -6.75
HB3 ALY B 7 2.10 -5.58 -4.45
HB2 ALY B 7 2.38 -7.22 -3.88
HA ALY B 7 4.59 -7.29 -4.76
H ALY B 7 4.42 -4.66 -3.37
N ARG B 8 4.98 -6.16 -7.00
CA ARG B 8 5.37 -5.50 -8.27
C ARG B 8 5.13 -6.36 -9.51
N HIS B 9 5.50 -7.65 -9.45
CA HIS B 9 5.44 -8.64 -10.55
C HIS B 9 6.29 -8.25 -11.78
N ARG B 10 6.33 -9.14 -12.78
CA ARG B 10 7.09 -8.98 -14.03
ZN ZN C . -2.81 5.02 -4.97
ZN ZN D . -5.94 -1.25 6.77
N SER A 5 -9.77 -4.34 -11.11
CA SER A 5 -8.92 -3.89 -10.00
C SER A 5 -9.18 -4.67 -8.69
N LEU A 6 -8.15 -4.79 -7.83
CA LEU A 6 -8.27 -5.37 -6.49
C LEU A 6 -8.68 -4.29 -5.47
N VAL A 7 -8.16 -3.07 -5.67
CA VAL A 7 -8.52 -1.82 -5.03
C VAL A 7 -8.47 -0.76 -6.11
N THR A 8 -9.61 -0.13 -6.39
CA THR A 8 -9.87 0.78 -7.52
C THR A 8 -9.26 2.18 -7.32
N CYS A 9 -8.22 2.29 -6.48
CA CYS A 9 -7.60 3.51 -5.95
C CYS A 9 -8.25 4.86 -6.40
N PRO A 10 -9.35 5.29 -5.75
CA PRO A 10 -10.00 6.57 -6.03
C PRO A 10 -9.11 7.80 -5.86
N ILE A 11 -8.04 7.68 -5.06
CA ILE A 11 -7.03 8.74 -4.87
C ILE A 11 -6.33 9.07 -6.21
N CYS A 12 -6.10 8.04 -7.03
CA CYS A 12 -5.44 8.10 -8.34
C CYS A 12 -6.43 7.95 -9.53
N HIS A 13 -7.72 7.70 -9.24
CA HIS A 13 -8.81 7.31 -10.16
C HIS A 13 -8.54 6.03 -10.97
N ALA A 14 -8.24 4.95 -10.22
CA ALA A 14 -8.15 3.56 -10.66
C ALA A 14 -7.05 3.11 -11.68
N PRO A 15 -5.85 3.70 -11.78
CA PRO A 15 -4.75 3.20 -12.62
C PRO A 15 -4.04 2.01 -11.96
N TYR A 16 -4.69 0.84 -11.88
CA TYR A 16 -4.14 -0.39 -11.28
C TYR A 16 -3.13 -1.10 -12.21
N VAL A 17 -2.10 -0.37 -12.63
CA VAL A 17 -1.00 -0.84 -13.49
C VAL A 17 -0.06 -1.74 -12.69
N GLU A 18 0.16 -2.98 -13.13
CA GLU A 18 0.88 -4.01 -12.39
C GLU A 18 2.39 -3.71 -12.22
N GLU A 19 2.98 -2.90 -13.10
CA GLU A 19 4.38 -2.43 -12.98
C GLU A 19 4.56 -1.28 -11.97
N ASP A 20 3.50 -0.48 -11.71
CA ASP A 20 3.51 0.55 -10.68
C ASP A 20 3.36 -0.11 -9.29
N LEU A 21 4.51 -0.37 -8.64
CA LEU A 21 4.59 -1.19 -7.44
C LEU A 21 3.67 -0.73 -6.29
N LEU A 22 3.10 -1.71 -5.59
CA LEU A 22 2.09 -1.51 -4.55
C LEU A 22 2.60 -1.92 -3.16
N ILE A 23 2.04 -1.25 -2.15
CA ILE A 23 2.15 -1.54 -0.72
C ILE A 23 0.78 -2.02 -0.23
N GLN A 24 0.74 -2.75 0.88
CA GLN A 24 -0.51 -3.11 1.55
C GLN A 24 -0.48 -2.85 3.06
N CYS A 25 -1.66 -2.64 3.64
CA CYS A 25 -1.82 -2.62 5.08
C CYS A 25 -1.45 -4.01 5.62
N ARG A 26 -0.48 -4.07 6.54
CA ARG A 26 -0.02 -5.32 7.18
C ARG A 26 -1.03 -5.91 8.16
N HIS A 27 -2.22 -5.30 8.27
CA HIS A 27 -3.31 -5.68 9.18
C HIS A 27 -4.63 -5.98 8.45
N CYS A 28 -4.86 -5.35 7.29
CA CYS A 28 -6.06 -5.49 6.45
C CYS A 28 -5.80 -6.21 5.10
N GLU A 29 -4.55 -6.18 4.61
CA GLU A 29 -4.08 -6.68 3.30
C GLU A 29 -4.69 -5.99 2.06
N ARG A 30 -5.35 -4.84 2.24
CA ARG A 30 -5.80 -3.96 1.14
C ARG A 30 -4.57 -3.26 0.53
N TRP A 31 -4.51 -3.15 -0.79
CA TRP A 31 -3.38 -2.60 -1.56
C TRP A 31 -3.54 -1.12 -1.96
N MET A 32 -2.42 -0.42 -2.11
CA MET A 32 -2.28 0.98 -2.56
C MET A 32 -1.00 1.13 -3.40
N HIS A 33 -0.91 2.11 -4.30
CA HIS A 33 0.36 2.44 -4.95
C HIS A 33 1.36 2.99 -3.93
N ALA A 34 2.67 2.85 -4.19
CA ALA A 34 3.70 3.45 -3.33
C ALA A 34 3.61 4.99 -3.26
N GLY A 35 3.24 5.65 -4.38
CA GLY A 35 3.22 7.11 -4.51
C GLY A 35 2.09 7.80 -3.73
N CYS A 36 0.87 7.25 -3.74
CA CYS A 36 -0.26 7.79 -2.96
C CYS A 36 -0.10 7.61 -1.44
N GLU A 37 0.68 6.63 -1.00
CA GLU A 37 1.12 6.45 0.38
C GLU A 37 2.49 7.09 0.70
N SER A 38 3.01 7.90 -0.25
CA SER A 38 4.20 8.75 -0.11
C SER A 38 5.54 8.04 0.11
N LEU A 39 5.68 6.75 -0.24
CA LEU A 39 6.98 6.08 -0.28
C LEU A 39 7.76 6.46 -1.55
N PHE A 40 9.06 6.75 -1.39
CA PHE A 40 9.92 7.22 -2.48
C PHE A 40 10.31 6.12 -3.50
N THR A 41 10.49 4.88 -3.04
CA THR A 41 10.99 3.75 -3.84
C THR A 41 10.61 2.40 -3.23
N GLU A 42 10.90 1.29 -3.93
CA GLU A 42 10.59 -0.08 -3.50
C GLU A 42 11.24 -0.45 -2.15
N ASP A 43 12.47 0.02 -1.90
CA ASP A 43 13.16 -0.16 -0.62
C ASP A 43 12.47 0.63 0.53
N ASP A 44 11.85 1.78 0.22
CA ASP A 44 11.09 2.57 1.19
C ASP A 44 9.74 1.91 1.52
N VAL A 45 9.13 1.23 0.55
CA VAL A 45 7.95 0.36 0.75
C VAL A 45 8.32 -0.87 1.59
N GLU A 46 9.45 -1.50 1.33
CA GLU A 46 9.96 -2.61 2.16
C GLU A 46 10.24 -2.15 3.60
N GLN A 47 10.73 -0.91 3.79
CA GLN A 47 10.88 -0.29 5.11
C GLN A 47 9.52 -0.13 5.80
N ALA A 48 8.51 0.37 5.08
CA ALA A 48 7.17 0.53 5.65
C ALA A 48 6.52 -0.82 6.00
N ALA A 49 6.73 -1.85 5.18
CA ALA A 49 6.27 -3.21 5.44
C ALA A 49 6.93 -3.83 6.69
N ASP A 50 8.25 -3.68 6.84
CA ASP A 50 8.99 -4.16 8.02
C ASP A 50 8.60 -3.41 9.31
N GLU A 51 8.21 -2.13 9.18
CA GLU A 51 7.68 -1.29 10.26
C GLU A 51 6.18 -1.54 10.56
N GLY A 52 5.53 -2.43 9.81
CA GLY A 52 4.14 -2.84 10.03
C GLY A 52 3.08 -1.81 9.59
N PHE A 53 3.26 -1.19 8.42
CA PHE A 53 2.36 -0.18 7.83
C PHE A 53 0.86 -0.51 7.96
N ASP A 54 0.07 0.48 8.35
CA ASP A 54 -1.36 0.42 8.62
C ASP A 54 -2.17 1.45 7.81
N CYS A 55 -3.37 1.07 7.37
CA CYS A 55 -4.33 1.97 6.74
C CYS A 55 -5.29 2.63 7.77
N VAL A 56 -6.58 2.68 7.43
CA VAL A 56 -7.61 3.43 8.18
C VAL A 56 -8.66 2.51 8.82
N SER A 57 -9.01 1.37 8.20
CA SER A 57 -10.05 0.45 8.70
C SER A 57 -9.61 -0.39 9.91
N CYS A 58 -8.29 -0.61 10.06
CA CYS A 58 -7.69 -1.30 11.18
C CYS A 58 -7.95 -0.56 12.50
N GLN A 59 -7.82 0.77 12.47
CA GLN A 59 -7.93 1.64 13.63
C GLN A 59 -9.24 1.43 14.43
N PRO A 60 -10.45 1.45 13.83
CA PRO A 60 -11.70 1.12 14.52
C PRO A 60 -11.92 -0.40 14.74
N TYR A 61 -11.43 -1.27 13.85
CA TYR A 61 -11.76 -2.70 13.89
C TYR A 61 -10.69 -3.58 14.58
N VAL A 62 -9.57 -3.87 13.90
CA VAL A 62 -8.58 -4.87 14.36
C VAL A 62 -7.73 -4.46 15.56
N VAL A 63 -7.47 -3.15 15.73
CA VAL A 63 -6.83 -2.57 16.94
C VAL A 63 -7.82 -1.74 17.78
N LYS A 64 -9.12 -1.93 17.54
CA LYS A 64 -10.26 -1.29 18.23
C LYS A 64 -10.09 0.23 18.37
CA LYS B 3 6.26 -10.25 -1.79
C LYS B 3 5.80 -9.73 -0.44
N GLY B 4 4.83 -10.41 0.16
CA GLY B 4 4.31 -10.09 1.50
C GLY B 4 3.64 -8.72 1.57
N GLY B 5 4.33 -7.75 2.18
CA GLY B 5 3.87 -6.35 2.29
C GLY B 5 3.92 -5.52 1.00
N ALA B 6 4.55 -6.04 -0.06
CA ALA B 6 4.78 -5.34 -1.33
C ALA B 6 4.54 -6.24 -2.56
OH ALY B 7 -0.92 -6.66 -9.66
CH ALY B 7 -1.03 -7.22 -8.58
CH3 ALY B 7 -2.37 -7.80 -8.17
NZ ALY B 7 0.01 -7.35 -7.76
CE ALY B 7 0.03 -7.95 -6.43
CD ALY B 7 0.21 -6.88 -5.34
CG ALY B 7 1.56 -6.15 -5.37
CB ALY B 7 2.77 -7.08 -5.16
CA ALY B 7 4.13 -6.37 -5.00
N ALY B 7 4.19 -5.64 -3.72
C ALY B 7 4.45 -5.50 -6.24
O ALY B 7 4.19 -4.29 -6.25
HH31 ALY B 7 -3.09 -7.64 -8.96
HH32 ALY B 7 -2.71 -7.31 -7.26
HH33 ALY B 7 -2.27 -8.87 -7.99
HZ ALY B 7 0.87 -6.94 -8.10
HE3 ALY B 7 -0.90 -8.50 -6.23
HE2 ALY B 7 0.85 -8.68 -6.37
HD3 ALY B 7 -0.59 -6.15 -5.44
HD2 ALY B 7 0.10 -7.36 -4.37
HG3 ALY B 7 1.66 -5.63 -6.32
HG2 ALY B 7 1.56 -5.41 -4.57
HB3 ALY B 7 2.58 -7.69 -4.27
HB2 ALY B 7 2.84 -7.76 -6.02
HA ALY B 7 4.88 -7.15 -4.98
H ALY B 7 4.05 -4.64 -3.72
N ARG B 8 4.99 -6.12 -7.29
CA ARG B 8 5.38 -5.51 -8.58
C ARG B 8 5.26 -6.56 -9.71
N HIS B 9 4.02 -6.99 -9.97
CA HIS B 9 3.71 -8.14 -10.84
C HIS B 9 3.99 -7.89 -12.33
N ARG B 10 3.96 -6.62 -12.78
CA ARG B 10 4.23 -6.23 -14.17
ZN ZN C . -3.17 5.29 -5.68
ZN ZN D . -5.54 -1.36 7.68
N SER A 5 -10.66 -3.83 -3.50
CA SER A 5 -9.58 -4.15 -2.56
C SER A 5 -8.19 -4.28 -3.23
N LEU A 6 -8.17 -4.36 -4.56
CA LEU A 6 -6.99 -4.47 -5.42
C LEU A 6 -7.16 -3.65 -6.72
N VAL A 7 -8.12 -4.01 -7.58
CA VAL A 7 -8.26 -3.49 -8.96
C VAL A 7 -8.88 -2.07 -9.05
N THR A 8 -8.93 -1.32 -7.95
CA THR A 8 -9.33 0.09 -7.89
C THR A 8 -8.52 0.75 -6.78
N CYS A 9 -7.88 1.86 -7.14
CA CYS A 9 -7.24 2.77 -6.22
C CYS A 9 -8.08 4.07 -6.15
N PRO A 10 -8.93 4.24 -5.13
CA PRO A 10 -9.66 5.50 -4.90
C PRO A 10 -8.78 6.74 -4.74
N ILE A 11 -7.48 6.56 -4.45
CA ILE A 11 -6.53 7.67 -4.35
C ILE A 11 -6.16 8.21 -5.75
N CYS A 12 -6.05 7.31 -6.73
CA CYS A 12 -5.77 7.61 -8.14
C CYS A 12 -7.05 7.73 -9.02
N HIS A 13 -8.22 7.39 -8.47
CA HIS A 13 -9.52 7.23 -9.17
C HIS A 13 -9.54 6.07 -10.18
N ALA A 14 -8.98 4.93 -9.77
CA ALA A 14 -9.05 3.62 -10.44
C ALA A 14 -8.36 3.39 -11.82
N PRO A 15 -7.29 4.10 -12.25
CA PRO A 15 -6.60 3.80 -13.52
C PRO A 15 -5.84 2.45 -13.50
N TYR A 16 -5.32 2.06 -12.32
CA TYR A 16 -4.68 0.77 -12.04
C TYR A 16 -3.63 0.31 -13.07
N VAL A 17 -2.59 1.14 -13.26
CA VAL A 17 -1.40 0.75 -14.05
C VAL A 17 -0.57 -0.27 -13.26
N GLU A 18 -0.47 -1.51 -13.77
CA GLU A 18 0.15 -2.64 -13.07
C GLU A 18 1.67 -2.50 -12.83
N GLU A 19 2.36 -1.67 -13.62
CA GLU A 19 3.79 -1.36 -13.45
C GLU A 19 4.09 -0.55 -12.17
N ASP A 20 3.10 0.19 -11.63
CA ASP A 20 3.27 0.94 -10.37
C ASP A 20 3.38 0.02 -9.14
N LEU A 21 4.34 0.31 -8.25
CA LEU A 21 4.64 -0.47 -7.05
C LEU A 21 3.47 -0.40 -6.06
N LEU A 22 2.92 -1.54 -5.63
CA LEU A 22 1.89 -1.62 -4.59
C LEU A 22 2.41 -2.07 -3.23
N ILE A 23 1.78 -1.57 -2.17
CA ILE A 23 2.07 -1.76 -0.76
C ILE A 23 0.75 -2.06 -0.01
N GLN A 24 0.79 -3.01 0.92
CA GLN A 24 -0.38 -3.58 1.60
C GLN A 24 -0.53 -3.12 3.06
N CYS A 25 -1.75 -2.79 3.49
CA CYS A 25 -2.06 -2.50 4.89
C CYS A 25 -2.01 -3.79 5.76
N ARG A 26 -1.30 -3.73 6.90
CA ARG A 26 -1.19 -4.86 7.85
C ARG A 26 -2.52 -5.24 8.53
N HIS A 27 -3.44 -4.27 8.66
CA HIS A 27 -4.73 -4.45 9.34
C HIS A 27 -5.85 -4.88 8.38
N CYS A 28 -5.91 -4.26 7.21
CA CYS A 28 -6.97 -4.44 6.21
C CYS A 28 -6.64 -5.51 5.14
N GLU A 29 -5.35 -5.77 4.87
CA GLU A 29 -4.83 -6.56 3.74
C GLU A 29 -5.11 -5.94 2.35
N ARG A 30 -5.60 -4.70 2.32
CA ARG A 30 -5.89 -3.94 1.08
C ARG A 30 -4.62 -3.31 0.50
N TRP A 31 -4.61 -3.14 -0.82
CA TRP A 31 -3.46 -2.67 -1.60
C TRP A 31 -3.64 -1.27 -2.17
N MET A 32 -2.59 -0.44 -2.01
CA MET A 32 -2.45 0.93 -2.51
C MET A 32 -1.10 1.05 -3.23
N HIS A 33 -0.97 1.96 -4.21
CA HIS A 33 0.36 2.26 -4.77
C HIS A 33 1.25 3.01 -3.76
N ALA A 34 2.57 2.84 -3.87
CA ALA A 34 3.53 3.58 -3.03
C ALA A 34 3.49 5.10 -3.30
N GLY A 35 3.34 5.51 -4.58
CA GLY A 35 3.40 6.91 -5.00
C GLY A 35 2.25 7.78 -4.47
N CYS A 36 1.01 7.27 -4.54
CA CYS A 36 -0.17 7.97 -4.01
C CYS A 36 -0.16 8.09 -2.47
N GLU A 37 0.37 7.07 -1.78
CA GLU A 37 0.63 7.10 -0.33
C GLU A 37 1.91 7.88 0.05
N SER A 38 2.59 8.54 -0.90
CA SER A 38 3.83 9.32 -0.72
C SER A 38 5.01 8.54 -0.12
N LEU A 39 4.99 7.21 -0.25
CA LEU A 39 6.01 6.28 0.23
C LEU A 39 7.19 6.23 -0.76
N PHE A 40 8.40 6.55 -0.32
CA PHE A 40 9.57 6.78 -1.20
C PHE A 40 10.20 5.49 -1.77
N THR A 41 9.73 5.07 -2.94
CA THR A 41 10.30 3.95 -3.75
C THR A 41 10.27 2.59 -3.03
N GLU A 42 10.89 1.57 -3.64
CA GLU A 42 11.01 0.23 -3.04
C GLU A 42 11.83 0.22 -1.73
N ASP A 43 12.71 1.21 -1.52
CA ASP A 43 13.47 1.40 -0.28
C ASP A 43 12.54 1.65 0.93
N ASP A 44 11.69 2.68 0.84
CA ASP A 44 10.72 3.00 1.90
C ASP A 44 9.61 1.94 1.99
N VAL A 45 9.31 1.21 0.91
CA VAL A 45 8.44 0.03 0.96
C VAL A 45 9.06 -1.09 1.79
N GLU A 46 10.34 -1.41 1.59
CA GLU A 46 11.04 -2.42 2.40
C GLU A 46 11.13 -1.99 3.88
N GLN A 47 11.36 -0.69 4.14
CA GLN A 47 11.25 -0.11 5.48
C GLN A 47 9.85 -0.34 6.07
N ALA A 48 8.81 0.03 5.34
CA ALA A 48 7.43 -0.06 5.80
C ALA A 48 6.91 -1.49 5.91
N ALA A 49 7.48 -2.45 5.18
CA ALA A 49 7.20 -3.88 5.33
C ALA A 49 7.70 -4.43 6.68
N ASP A 50 8.93 -4.08 7.06
CA ASP A 50 9.53 -4.47 8.35
C ASP A 50 8.85 -3.74 9.54
N GLU A 51 8.47 -2.47 9.35
CA GLU A 51 7.80 -1.64 10.36
C GLU A 51 6.28 -1.89 10.48
N GLY A 52 5.64 -2.43 9.43
CA GLY A 52 4.20 -2.58 9.28
C GLY A 52 3.53 -1.33 8.69
N PHE A 53 3.05 -1.45 7.44
CA PHE A 53 2.36 -0.37 6.71
C PHE A 53 0.85 -0.32 7.02
N ASP A 54 0.23 0.85 6.83
CA ASP A 54 -1.17 1.16 7.18
C ASP A 54 -1.86 1.96 6.07
N CYS A 55 -3.10 1.62 5.71
CA CYS A 55 -3.85 2.33 4.68
C CYS A 55 -4.28 3.76 5.08
N VAL A 56 -5.00 4.39 4.14
CA VAL A 56 -5.56 5.75 4.21
C VAL A 56 -6.41 5.99 5.47
N SER A 57 -7.16 4.99 5.96
CA SER A 57 -7.98 5.10 7.18
C SER A 57 -7.23 4.66 8.44
N CYS A 58 -6.39 3.64 8.31
CA CYS A 58 -5.53 3.19 9.39
C CYS A 58 -4.54 4.29 9.80
N GLN A 59 -4.10 5.14 8.88
CA GLN A 59 -3.28 6.32 9.16
C GLN A 59 -3.89 7.22 10.26
N PRO A 60 -5.09 7.83 10.09
CA PRO A 60 -5.79 8.51 11.19
C PRO A 60 -5.91 7.68 12.49
N TYR A 61 -6.10 6.37 12.40
CA TYR A 61 -6.16 5.51 13.60
C TYR A 61 -4.79 5.26 14.28
N VAL A 62 -3.69 5.28 13.51
CA VAL A 62 -2.33 4.85 13.94
C VAL A 62 -1.28 5.94 14.18
N VAL A 63 -1.30 7.08 13.46
CA VAL A 63 -0.18 8.05 13.49
C VAL A 63 0.01 8.68 14.87
N LYS A 64 -1.05 8.71 15.69
CA LYS A 64 -1.02 9.05 17.11
C LYS A 64 -1.95 8.15 17.93
CA LYS B 3 3.36 -12.41 -2.16
C LYS B 3 2.73 -11.20 -1.49
N GLY B 4 2.59 -11.27 -0.16
CA GLY B 4 2.05 -10.19 0.67
C GLY B 4 3.01 -9.02 0.90
N GLY B 5 2.50 -7.94 1.49
CA GLY B 5 3.26 -6.74 1.89
C GLY B 5 3.60 -5.79 0.74
N ALA B 6 4.32 -6.26 -0.28
CA ALA B 6 4.80 -5.48 -1.42
C ALA B 6 4.65 -6.24 -2.75
OH ALY B 7 -0.95 -11.00 -6.34
CH ALY B 7 -1.65 -10.33 -5.58
CH3 ALY B 7 -3.10 -10.71 -5.36
NZ ALY B 7 -1.21 -9.27 -4.90
CE ALY B 7 0.16 -8.78 -4.95
CD ALY B 7 0.26 -7.60 -5.94
CG ALY B 7 1.72 -7.18 -6.21
CB ALY B 7 2.35 -6.53 -4.98
CA ALY B 7 3.85 -6.18 -5.10
N ALY B 7 4.25 -5.55 -3.83
C ALY B 7 4.15 -5.32 -6.35
O ALY B 7 3.93 -4.11 -6.36
HH31 ALY B 7 -3.30 -10.77 -4.30
HH32 ALY B 7 -3.29 -11.67 -5.83
HH33 ALY B 7 -3.73 -9.94 -5.81
HZ ALY B 7 -1.86 -8.81 -4.28
HE3 ALY B 7 0.44 -8.43 -3.95
HE2 ALY B 7 0.85 -9.57 -5.25
HD3 ALY B 7 -0.18 -7.90 -6.89
HD2 ALY B 7 -0.29 -6.74 -5.55
HG3 ALY B 7 2.30 -8.07 -6.50
HG2 ALY B 7 1.73 -6.48 -7.04
HB3 ALY B 7 1.80 -5.62 -4.75
HB2 ALY B 7 2.26 -7.21 -4.13
HA ALY B 7 4.40 -7.11 -5.22
H ALY B 7 4.07 -4.55 -3.72
N ARG B 8 4.60 -5.98 -7.43
CA ARG B 8 4.77 -5.45 -8.80
C ARG B 8 4.38 -6.52 -9.84
N HIS B 9 4.19 -6.10 -11.09
CA HIS B 9 3.86 -6.97 -12.24
C HIS B 9 4.95 -7.99 -12.59
N ARG B 10 6.23 -7.64 -12.38
CA ARG B 10 7.39 -8.50 -12.63
ZN ZN C . -3.01 4.91 -6.24
ZN ZN D . -6.02 -0.35 6.94
N SER A 5 -10.58 -5.52 -3.34
CA SER A 5 -9.46 -5.28 -2.42
C SER A 5 -8.24 -4.62 -3.09
N LEU A 6 -8.30 -4.37 -4.41
CA LEU A 6 -7.25 -3.73 -5.22
C LEU A 6 -7.78 -2.66 -6.20
N VAL A 7 -8.96 -2.88 -6.80
CA VAL A 7 -9.49 -2.08 -7.92
C VAL A 7 -10.08 -0.71 -7.50
N THR A 8 -9.76 -0.21 -6.29
CA THR A 8 -10.05 1.16 -5.84
C THR A 8 -8.90 1.59 -4.95
N CYS A 9 -8.20 2.64 -5.37
CA CYS A 9 -7.21 3.36 -4.59
C CYS A 9 -7.76 4.79 -4.38
N PRO A 10 -8.49 5.07 -3.28
CA PRO A 10 -9.10 6.38 -3.02
C PRO A 10 -8.13 7.56 -3.00
N ILE A 11 -6.82 7.28 -2.91
CA ILE A 11 -5.77 8.30 -2.84
C ILE A 11 -5.53 8.96 -4.22
N CYS A 12 -5.65 8.20 -5.31
CA CYS A 12 -5.66 8.68 -6.70
C CYS A 12 -7.07 8.65 -7.35
N HIS A 13 -8.08 8.21 -6.60
CA HIS A 13 -9.47 7.99 -7.03
C HIS A 13 -9.63 6.88 -8.08
N ALA A 14 -8.95 5.75 -7.81
CA ALA A 14 -9.04 4.45 -8.48
C ALA A 14 -8.39 4.16 -9.86
N PRO A 15 -7.58 5.00 -10.53
CA PRO A 15 -6.82 4.58 -11.72
C PRO A 15 -5.74 3.56 -11.29
N TYR A 16 -5.88 2.29 -11.68
CA TYR A 16 -5.04 1.22 -11.13
C TYR A 16 -3.58 1.20 -11.64
N VAL A 17 -3.34 1.69 -12.86
CA VAL A 17 -2.02 1.84 -13.52
C VAL A 17 -1.16 0.56 -13.56
N GLU A 18 -1.12 -0.08 -14.73
CA GLU A 18 -0.24 -1.22 -15.00
C GLU A 18 1.25 -0.85 -14.81
N GLU A 19 2.06 -1.86 -14.48
CA GLU A 19 3.50 -1.79 -14.15
C GLU A 19 3.88 -1.06 -12.85
N ASP A 20 3.00 -0.25 -12.24
CA ASP A 20 3.30 0.48 -10.99
C ASP A 20 3.39 -0.44 -9.75
N LEU A 21 4.16 -0.05 -8.74
CA LEU A 21 4.40 -0.79 -7.50
C LEU A 21 3.33 -0.47 -6.43
N LEU A 22 2.87 -1.51 -5.73
CA LEU A 22 1.82 -1.45 -4.70
C LEU A 22 2.26 -2.05 -3.35
N ILE A 23 1.52 -1.68 -2.32
CA ILE A 23 1.70 -2.07 -0.92
C ILE A 23 0.31 -2.36 -0.31
N GLN A 24 0.23 -3.26 0.68
CA GLN A 24 -1.00 -3.57 1.40
C GLN A 24 -0.83 -3.46 2.92
N CYS A 25 -1.92 -3.16 3.63
CA CYS A 25 -1.97 -3.21 5.08
C CYS A 25 -1.65 -4.63 5.61
N ARG A 26 -0.80 -4.74 6.65
CA ARG A 26 -0.56 -6.01 7.34
C ARG A 26 -1.80 -6.59 8.06
N HIS A 27 -2.79 -5.73 8.37
CA HIS A 27 -4.00 -6.09 9.12
C HIS A 27 -5.21 -6.27 8.19
N CYS A 28 -5.42 -5.32 7.28
CA CYS A 28 -6.59 -5.24 6.40
C CYS A 28 -6.38 -5.94 5.03
N GLU A 29 -5.13 -6.11 4.59
CA GLU A 29 -4.70 -6.68 3.29
C GLU A 29 -5.14 -5.90 2.04
N ARG A 30 -5.90 -4.80 2.18
CA ARG A 30 -6.27 -3.92 1.06
C ARG A 30 -5.03 -3.25 0.47
N TRP A 31 -4.96 -3.23 -0.86
CA TRP A 31 -3.84 -2.70 -1.64
C TRP A 31 -4.00 -1.22 -2.03
N MET A 32 -2.88 -0.55 -2.22
CA MET A 32 -2.73 0.86 -2.65
C MET A 32 -1.34 1.07 -3.27
N HIS A 33 -1.16 2.13 -4.06
CA HIS A 33 0.14 2.42 -4.69
C HIS A 33 1.17 2.91 -3.68
N ALA A 34 2.44 2.56 -3.89
CA ALA A 34 3.54 3.04 -3.05
C ALA A 34 3.69 4.57 -3.11
N GLY A 35 3.59 5.19 -4.30
CA GLY A 35 3.67 6.64 -4.48
C GLY A 35 2.50 7.39 -3.81
N CYS A 36 1.30 6.82 -3.83
CA CYS A 36 0.14 7.30 -3.07
C CYS A 36 0.44 7.39 -1.56
N GLU A 37 1.13 6.39 -1.01
CA GLU A 37 1.61 6.34 0.37
C GLU A 37 2.98 7.02 0.62
N SER A 38 3.50 7.75 -0.37
CA SER A 38 4.79 8.49 -0.34
C SER A 38 6.05 7.60 -0.22
N LEU A 39 5.97 6.30 -0.53
CA LEU A 39 7.13 5.42 -0.68
C LEU A 39 7.58 5.47 -2.15
N PHE A 40 8.71 6.13 -2.42
CA PHE A 40 9.17 6.38 -3.80
C PHE A 40 9.84 5.18 -4.48
N THR A 41 10.22 4.14 -3.73
CA THR A 41 10.97 2.95 -4.20
C THR A 41 10.49 1.66 -3.53
N GLU A 42 10.90 0.51 -4.07
CA GLU A 42 10.69 -0.78 -3.43
C GLU A 42 11.43 -0.88 -2.07
N ASP A 43 12.58 -0.20 -1.92
CA ASP A 43 13.30 -0.11 -0.65
C ASP A 43 12.54 0.73 0.39
N ASP A 44 11.88 1.82 -0.01
CA ASP A 44 10.99 2.58 0.85
C ASP A 44 9.75 1.77 1.26
N VAL A 45 9.19 0.95 0.35
CA VAL A 45 8.13 -0.02 0.68
C VAL A 45 8.62 -1.10 1.64
N GLU A 46 9.84 -1.61 1.48
CA GLU A 46 10.46 -2.55 2.43
C GLU A 46 10.68 -1.90 3.81
N GLN A 47 11.04 -0.61 3.85
CA GLN A 47 11.10 0.17 5.09
C GLN A 47 9.72 0.28 5.73
N ALA A 48 8.67 0.55 4.94
CA ALA A 48 7.33 0.62 5.46
C ALA A 48 6.85 -0.74 6.03
N ALA A 49 7.16 -1.84 5.35
CA ALA A 49 6.85 -3.19 5.82
C ALA A 49 7.64 -3.60 7.08
N ASP A 50 8.91 -3.20 7.20
CA ASP A 50 9.69 -3.37 8.44
C ASP A 50 9.11 -2.55 9.61
N GLU A 51 8.48 -1.41 9.30
CA GLU A 51 7.67 -0.59 10.24
C GLU A 51 6.23 -1.13 10.41
N GLY A 52 5.94 -2.29 9.82
CA GLY A 52 4.66 -3.03 9.88
C GLY A 52 3.62 -2.58 8.85
N PHE A 53 3.47 -1.27 8.62
CA PHE A 53 2.47 -0.64 7.75
C PHE A 53 1.00 -1.03 8.10
N ASP A 54 0.48 -0.45 9.18
CA ASP A 54 -0.95 -0.49 9.55
C ASP A 54 -1.64 0.76 8.96
N CYS A 55 -2.76 0.58 8.25
CA CYS A 55 -3.38 1.66 7.48
C CYS A 55 -4.30 2.63 8.25
N VAL A 56 -4.95 3.47 7.46
CA VAL A 56 -5.74 4.65 7.84
C VAL A 56 -7.07 4.29 8.51
N SER A 57 -7.56 3.05 8.34
CA SER A 57 -8.79 2.54 8.97
C SER A 57 -8.50 1.79 10.28
N CYS A 58 -7.46 0.94 10.28
CA CYS A 58 -7.09 0.18 11.45
C CYS A 58 -6.38 1.04 12.52
N GLN A 59 -5.73 2.16 12.15
CA GLN A 59 -5.21 3.13 13.11
C GLN A 59 -6.32 3.67 14.05
N PRO A 60 -7.47 4.18 13.55
CA PRO A 60 -8.63 4.48 14.38
C PRO A 60 -9.10 3.28 15.22
N TYR A 61 -9.15 2.07 14.65
CA TYR A 61 -9.56 0.88 15.42
C TYR A 61 -8.59 0.51 16.57
N VAL A 62 -7.27 0.64 16.36
CA VAL A 62 -6.20 0.22 17.28
C VAL A 62 -5.77 1.27 18.32
N VAL A 63 -5.77 2.58 17.98
CA VAL A 63 -5.31 3.68 18.85
C VAL A 63 -6.19 4.94 18.82
N LYS A 64 -7.35 4.91 18.15
CA LYS A 64 -8.32 6.04 18.05
C LYS A 64 -7.65 7.38 17.68
CA LYS B 3 -0.27 -11.23 -0.64
C LYS B 3 1.17 -10.77 -0.57
N GLY B 4 1.81 -11.02 0.57
CA GLY B 4 3.25 -10.77 0.77
C GLY B 4 3.65 -9.32 1.06
N GLY B 5 2.70 -8.43 1.41
CA GLY B 5 2.95 -7.06 1.86
C GLY B 5 3.21 -6.04 0.73
N ALA B 6 3.94 -6.44 -0.31
CA ALA B 6 4.43 -5.59 -1.39
C ALA B 6 4.39 -6.29 -2.77
OH ALY B 7 -1.07 -10.05 -7.61
CH ALY B 7 -1.81 -9.32 -6.96
CH3 ALY B 7 -3.30 -9.53 -6.99
NZ ALY B 7 -1.38 -8.34 -6.16
CE ALY B 7 0.03 -8.00 -5.95
CD ALY B 7 0.41 -6.74 -6.76
CG ALY B 7 1.93 -6.49 -6.76
CB ALY B 7 2.42 -6.04 -5.37
CA ALY B 7 3.95 -5.96 -5.20
N ALY B 7 4.20 -5.49 -3.82
C ALY B 7 4.63 -5.05 -6.23
O ALY B 7 4.15 -3.94 -6.48
HH31 ALY B 7 -3.53 -10.49 -7.47
HH32 ALY B 7 -3.77 -8.73 -7.56
HH33 ALY B 7 -3.70 -9.54 -5.99
HZ ALY B 7 -2.07 -7.80 -5.66
HE3 ALY B 7 0.18 -7.82 -4.90
HE2 ALY B 7 0.67 -8.83 -6.25
HD3 ALY B 7 0.09 -6.87 -7.79
HD2 ALY B 7 -0.10 -5.88 -6.33
HG3 ALY B 7 2.44 -7.39 -7.06
HG2 ALY B 7 2.15 -5.70 -7.47
HB3 ALY B 7 1.99 -5.07 -5.14
HB2 ALY B 7 2.07 -6.75 -4.63
HA ALY B 7 4.36 -6.97 -5.32
H ALY B 7 4.08 -4.49 -3.65
N ARG B 8 5.75 -5.49 -6.81
CA ARG B 8 6.61 -4.68 -7.71
C ARG B 8 5.89 -4.14 -8.96
N HIS B 9 4.87 -4.85 -9.45
CA HIS B 9 4.07 -4.45 -10.61
C HIS B 9 2.62 -4.95 -10.50
N ARG B 10 1.65 -4.04 -10.63
CA ARG B 10 0.22 -4.33 -10.65
ZN ZN C . -3.33 5.29 -5.84
ZN ZN D . -5.25 -1.51 8.02
N SER A 5 -10.12 -3.51 -2.84
CA SER A 5 -8.84 -4.02 -2.34
C SER A 5 -7.79 -4.22 -3.45
N LEU A 6 -8.25 -4.47 -4.69
CA LEU A 6 -7.45 -4.68 -5.90
C LEU A 6 -8.26 -4.23 -7.14
N VAL A 7 -7.59 -4.07 -8.30
CA VAL A 7 -8.16 -3.65 -9.61
C VAL A 7 -8.72 -2.20 -9.65
N THR A 8 -8.84 -1.53 -8.50
CA THR A 8 -9.32 -0.15 -8.32
C THR A 8 -8.60 0.41 -7.11
N CYS A 9 -8.01 1.59 -7.32
CA CYS A 9 -7.47 2.43 -6.27
C CYS A 9 -8.38 3.65 -6.09
N PRO A 10 -9.28 3.67 -5.07
CA PRO A 10 -10.07 4.85 -4.72
C PRO A 10 -9.25 6.11 -4.41
N ILE A 11 -7.95 5.95 -4.11
CA ILE A 11 -7.03 7.07 -3.85
C ILE A 11 -6.66 7.79 -5.17
N CYS A 12 -6.46 7.02 -6.25
CA CYS A 12 -6.14 7.49 -7.59
C CYS A 12 -7.39 7.66 -8.51
N HIS A 13 -8.58 7.27 -8.03
CA HIS A 13 -9.85 7.16 -8.79
C HIS A 13 -9.82 6.11 -9.92
N ALA A 14 -9.24 4.94 -9.61
CA ALA A 14 -9.26 3.71 -10.40
C ALA A 14 -8.51 3.60 -11.76
N PRO A 15 -7.46 4.39 -12.10
CA PRO A 15 -6.63 4.12 -13.29
C PRO A 15 -5.79 2.83 -13.14
N TYR A 16 -5.53 2.42 -11.89
CA TYR A 16 -4.74 1.25 -11.47
C TYR A 16 -3.28 1.24 -11.98
N VAL A 17 -2.57 0.12 -11.80
CA VAL A 17 -1.11 0.00 -12.00
C VAL A 17 -0.63 0.32 -13.44
N GLU A 18 0.52 1.00 -13.52
CA GLU A 18 1.28 1.25 -14.74
C GLU A 18 2.78 1.05 -14.44
N GLU A 19 3.18 -0.23 -14.32
CA GLU A 19 4.51 -0.70 -13.86
C GLU A 19 4.94 -0.27 -12.43
N ASP A 20 4.04 0.35 -11.66
CA ASP A 20 4.30 0.89 -10.32
C ASP A 20 4.39 -0.18 -9.21
N LEU A 21 4.97 0.21 -8.08
CA LEU A 21 4.96 -0.55 -6.82
C LEU A 21 3.60 -0.41 -6.12
N LEU A 22 3.21 -1.45 -5.39
CA LEU A 22 2.08 -1.50 -4.48
C LEU A 22 2.49 -2.12 -3.15
N ILE A 23 1.72 -1.83 -2.10
CA ILE A 23 1.98 -2.21 -0.72
C ILE A 23 0.65 -2.35 0.03
N GLN A 24 0.55 -3.28 0.99
CA GLN A 24 -0.69 -3.55 1.74
C GLN A 24 -0.59 -3.32 3.25
N CYS A 25 -1.72 -2.98 3.84
CA CYS A 25 -1.94 -2.91 5.27
C CYS A 25 -1.87 -4.31 5.93
N ARG A 26 -1.20 -4.43 7.09
CA ARG A 26 -1.17 -5.70 7.86
C ARG A 26 -2.49 -6.01 8.58
N HIS A 27 -3.32 -5.00 8.84
CA HIS A 27 -4.56 -5.15 9.62
C HIS A 27 -5.77 -5.59 8.76
N CYS A 28 -5.96 -5.00 7.58
CA CYS A 28 -7.09 -5.26 6.69
C CYS A 28 -6.72 -5.88 5.31
N GLU A 29 -5.43 -6.05 5.00
CA GLU A 29 -4.86 -6.61 3.76
C GLU A 29 -5.07 -5.80 2.46
N ARG A 30 -5.84 -4.70 2.49
CA ARG A 30 -6.08 -3.84 1.32
C ARG A 30 -4.76 -3.24 0.80
N TRP A 31 -4.64 -3.15 -0.53
CA TRP A 31 -3.47 -2.60 -1.23
C TRP A 31 -3.62 -1.12 -1.61
N MET A 32 -2.48 -0.44 -1.73
CA MET A 32 -2.31 0.93 -2.23
C MET A 32 -1.05 0.98 -3.12
N HIS A 33 -0.95 1.94 -4.05
CA HIS A 33 0.31 2.17 -4.76
C HIS A 33 1.34 2.83 -3.82
N ALA A 34 2.62 2.60 -4.04
CA ALA A 34 3.67 3.32 -3.34
C ALA A 34 3.62 4.84 -3.60
N GLY A 35 3.18 5.25 -4.80
CA GLY A 35 3.05 6.66 -5.20
C GLY A 35 1.95 7.45 -4.48
N CYS A 36 0.74 6.89 -4.32
CA CYS A 36 -0.35 7.54 -3.57
C CYS A 36 -0.06 7.63 -2.04
N GLU A 37 0.76 6.72 -1.52
CA GLU A 37 1.30 6.78 -0.16
C GLU A 37 2.62 7.58 -0.04
N SER A 38 3.07 8.23 -1.14
CA SER A 38 4.23 9.13 -1.21
C SER A 38 5.56 8.49 -0.77
N LEU A 39 5.71 7.16 -0.95
CA LEU A 39 6.92 6.41 -0.64
C LEU A 39 7.97 6.64 -1.75
N PHE A 40 9.20 6.96 -1.35
CA PHE A 40 10.25 7.43 -2.29
C PHE A 40 10.89 6.36 -3.19
N THR A 41 11.06 5.13 -2.71
CA THR A 41 11.84 4.07 -3.39
C THR A 41 11.50 2.68 -2.85
N GLU A 42 11.92 1.61 -3.53
CA GLU A 42 11.65 0.22 -3.12
C GLU A 42 12.17 -0.10 -1.72
N ASP A 43 13.31 0.45 -1.32
CA ASP A 43 13.84 0.31 0.05
C ASP A 43 12.94 1.01 1.11
N ASP A 44 12.32 2.14 0.76
CA ASP A 44 11.37 2.85 1.63
C ASP A 44 10.04 2.07 1.75
N VAL A 45 9.57 1.48 0.65
CA VAL A 45 8.42 0.56 0.66
C VAL A 45 8.71 -0.70 1.47
N GLU A 46 9.89 -1.29 1.32
CA GLU A 46 10.34 -2.43 2.13
C GLU A 46 10.44 -2.06 3.61
N GLN A 47 10.89 -0.85 3.94
CA GLN A 47 10.86 -0.32 5.31
C GLN A 47 9.41 -0.22 5.80
N ALA A 48 8.51 0.37 5.02
CA ALA A 48 7.12 0.53 5.42
C ALA A 48 6.41 -0.82 5.63
N ALA A 49 6.76 -1.83 4.83
CA ALA A 49 6.28 -3.21 4.96
C ALA A 49 6.82 -3.90 6.21
N ASP A 50 8.13 -3.85 6.45
CA ASP A 50 8.79 -4.46 7.62
C ASP A 50 8.37 -3.79 8.95
N GLU A 51 8.11 -2.48 8.91
CA GLU A 51 7.54 -1.73 10.05
C GLU A 51 6.03 -2.00 10.27
N GLY A 52 5.36 -2.56 9.26
CA GLY A 52 3.92 -2.81 9.22
C GLY A 52 3.12 -1.55 8.89
N PHE A 53 2.60 -1.46 7.65
CA PHE A 53 1.67 -0.41 7.23
C PHE A 53 0.29 -0.60 7.88
N ASP A 54 -0.36 0.48 8.31
CA ASP A 54 -1.75 0.48 8.78
C ASP A 54 -2.50 1.75 8.32
N CYS A 55 -3.74 1.59 7.87
CA CYS A 55 -4.65 2.68 7.52
C CYS A 55 -4.93 3.66 8.70
N VAL A 56 -5.49 4.84 8.38
CA VAL A 56 -5.86 5.88 9.37
C VAL A 56 -6.85 5.38 10.42
N SER A 57 -7.75 4.46 10.07
CA SER A 57 -8.69 3.78 10.98
C SER A 57 -8.16 2.45 11.55
N CYS A 58 -7.32 1.74 10.80
CA CYS A 58 -6.62 0.55 11.25
C CYS A 58 -5.69 0.88 12.42
N GLN A 59 -5.12 2.09 12.46
CA GLN A 59 -4.31 2.59 13.57
C GLN A 59 -5.07 2.59 14.92
N PRO A 60 -6.23 3.27 15.10
CA PRO A 60 -7.07 3.10 16.28
C PRO A 60 -7.40 1.64 16.63
N TYR A 61 -7.58 0.76 15.63
CA TYR A 61 -7.86 -0.67 15.89
C TYR A 61 -6.62 -1.44 16.40
N VAL A 62 -5.45 -1.29 15.75
CA VAL A 62 -4.20 -2.01 16.05
C VAL A 62 -3.42 -1.45 17.25
N VAL A 63 -3.40 -0.12 17.44
CA VAL A 63 -2.78 0.59 18.58
C VAL A 63 -3.81 0.61 19.72
N LYS A 64 -4.24 -0.59 20.13
CA LYS A 64 -5.37 -0.82 21.03
C LYS A 64 -5.17 -0.15 22.41
CA LYS B 3 4.38 -10.66 -1.80
C LYS B 3 3.68 -11.59 -0.85
N GLY B 4 3.80 -11.42 0.47
CA GLY B 4 4.54 -10.35 1.17
C GLY B 4 3.81 -9.00 1.21
N GLY B 5 4.39 -8.03 1.94
CA GLY B 5 3.81 -6.69 2.14
C GLY B 5 3.88 -5.75 0.93
N ALA B 6 4.73 -6.05 -0.06
CA ALA B 6 4.98 -5.23 -1.25
C ALA B 6 4.94 -6.05 -2.56
OH ALY B 7 -1.59 -9.99 -6.47
CH ALY B 7 -1.79 -9.44 -5.40
CH3 ALY B 7 -3.13 -9.62 -4.71
NZ ALY B 7 -0.90 -8.68 -4.76
CE ALY B 7 0.48 -8.50 -5.16
CD ALY B 7 0.65 -7.22 -5.99
CG ALY B 7 2.13 -6.85 -6.21
CB ALY B 7 2.76 -6.26 -4.94
CA ALY B 7 4.27 -5.95 -4.98
N ALY B 7 4.59 -5.37 -3.67
C ALY B 7 4.63 -4.99 -6.13
O ALY B 7 4.63 -3.78 -5.92
HH31 ALY B 7 -2.98 -10.23 -3.82
HH32 ALY B 7 -3.82 -10.12 -5.39
HH33 ALY B 7 -3.53 -8.64 -4.43
HZ ALY B 7 -1.19 -8.26 -3.89
HE3 ALY B 7 1.09 -8.44 -4.26
HE2 ALY B 7 0.83 -9.35 -5.74
HD3 ALY B 7 0.18 -7.37 -6.97
HD2 ALY B 7 0.15 -6.38 -5.50
HG3 ALY B 7 2.68 -7.74 -6.54
HG2 ALY B 7 2.17 -6.11 -7.00
HB3 ALY B 7 2.22 -5.35 -4.69
HB2 ALY B 7 2.62 -6.97 -4.12
HA ALY B 7 4.83 -6.88 -5.12
H ALY B 7 4.42 -4.37 -3.56
N ARG B 8 4.86 -5.48 -7.35
CA ARG B 8 4.99 -4.66 -8.58
C ARG B 8 4.16 -5.28 -9.72
N HIS B 9 3.69 -4.45 -10.66
CA HIS B 9 2.87 -4.85 -11.82
C HIS B 9 1.47 -5.44 -11.46
N ARG B 10 0.99 -5.21 -10.22
CA ARG B 10 -0.29 -5.72 -9.72
ZN ZN C . -3.31 4.73 -5.84
ZN ZN D . -5.97 -1.25 6.88
N SER A 5 -7.53 -3.76 -1.88
CA SER A 5 -8.28 -4.90 -2.42
C SER A 5 -7.63 -5.55 -3.66
N LEU A 6 -6.58 -4.91 -4.19
CA LEU A 6 -5.92 -5.20 -5.48
C LEU A 6 -6.85 -4.96 -6.70
N VAL A 7 -6.25 -4.80 -7.89
CA VAL A 7 -6.88 -4.47 -9.19
C VAL A 7 -7.80 -3.24 -9.22
N THR A 8 -7.77 -2.40 -8.18
CA THR A 8 -8.41 -1.10 -8.05
C THR A 8 -7.76 -0.39 -6.86
N CYS A 9 -7.38 0.86 -7.07
CA CYS A 9 -6.97 1.77 -6.01
C CYS A 9 -8.06 2.83 -5.79
N PRO A 10 -8.91 2.70 -4.76
CA PRO A 10 -9.89 3.72 -4.40
C PRO A 10 -9.30 5.11 -4.13
N ILE A 11 -8.00 5.19 -3.81
CA ILE A 11 -7.32 6.48 -3.60
C ILE A 11 -7.13 7.24 -4.92
N CYS A 12 -6.80 6.50 -5.99
CA CYS A 12 -6.52 7.03 -7.33
C CYS A 12 -7.73 6.94 -8.30
N HIS A 13 -8.87 6.40 -7.84
CA HIS A 13 -10.07 6.05 -8.64
C HIS A 13 -9.82 4.96 -9.71
N ALA A 14 -9.12 3.90 -9.28
CA ALA A 14 -8.91 2.63 -9.98
C ALA A 14 -7.99 2.53 -11.24
N PRO A 15 -7.03 3.45 -11.53
CA PRO A 15 -6.03 3.19 -12.58
C PRO A 15 -5.07 2.08 -12.12
N TYR A 16 -4.74 1.14 -13.01
CA TYR A 16 -3.93 -0.03 -12.68
C TYR A 16 -3.18 -0.58 -13.90
N VAL A 17 -1.87 -0.76 -13.76
CA VAL A 17 -0.93 -1.17 -14.83
C VAL A 17 0.14 -2.11 -14.26
N GLU A 18 0.63 -3.09 -15.03
CA GLU A 18 1.64 -4.07 -14.57
C GLU A 18 2.96 -3.41 -14.12
N GLU A 19 3.30 -2.24 -14.66
CA GLU A 19 4.46 -1.43 -14.26
C GLU A 19 4.36 -0.84 -12.82
N ASP A 20 3.16 -0.80 -12.23
CA ASP A 20 2.94 -0.23 -10.89
C ASP A 20 3.62 -1.02 -9.75
N LEU A 21 4.12 -0.30 -8.74
CA LEU A 21 4.62 -0.87 -7.48
C LEU A 21 3.65 -0.53 -6.33
N LEU A 22 3.32 -1.52 -5.51
CA LEU A 22 2.27 -1.47 -4.48
C LEU A 22 2.75 -1.98 -3.12
N ILE A 23 2.00 -1.60 -2.09
CA ILE A 23 2.15 -1.95 -0.68
C ILE A 23 0.75 -2.27 -0.11
N GLN A 24 0.68 -2.82 1.10
CA GLN A 24 -0.56 -3.37 1.66
C GLN A 24 -0.67 -3.14 3.18
N CYS A 25 -1.88 -2.85 3.67
CA CYS A 25 -2.20 -2.78 5.09
C CYS A 25 -2.06 -4.17 5.79
N ARG A 26 -1.52 -4.18 7.02
CA ARG A 26 -1.44 -5.41 7.85
C ARG A 26 -2.73 -5.78 8.57
N HIS A 27 -3.65 -4.83 8.78
CA HIS A 27 -4.89 -5.04 9.52
C HIS A 27 -6.04 -5.56 8.64
N CYS A 28 -6.28 -4.92 7.49
CA CYS A 28 -7.42 -5.20 6.62
C CYS A 28 -7.05 -5.74 5.20
N GLU A 29 -5.76 -5.98 4.93
CA GLU A 29 -5.23 -6.55 3.67
C GLU A 29 -5.46 -5.72 2.39
N ARG A 30 -5.97 -4.47 2.49
CA ARG A 30 -6.13 -3.54 1.36
C ARG A 30 -4.77 -3.18 0.73
N TRP A 31 -4.70 -3.22 -0.60
CA TRP A 31 -3.54 -2.75 -1.39
C TRP A 31 -3.67 -1.29 -1.84
N MET A 32 -2.52 -0.65 -2.06
CA MET A 32 -2.38 0.72 -2.58
C MET A 32 -1.02 0.89 -3.27
N HIS A 33 -0.93 1.78 -4.26
CA HIS A 33 0.37 2.15 -4.87
C HIS A 33 1.34 2.74 -3.83
N ALA A 34 2.64 2.67 -4.13
CA ALA A 34 3.65 3.38 -3.34
C ALA A 34 3.48 4.92 -3.43
N GLY A 35 3.11 5.43 -4.62
CA GLY A 35 2.96 6.87 -4.89
C GLY A 35 1.85 7.57 -4.09
N CYS A 36 0.67 6.95 -3.94
CA CYS A 36 -0.42 7.45 -3.10
C CYS A 36 -0.18 7.27 -1.58
N GLU A 37 1.01 6.79 -1.20
CA GLU A 37 1.54 6.73 0.16
C GLU A 37 2.86 7.51 0.32
N SER A 38 3.25 8.27 -0.71
CA SER A 38 4.50 9.07 -0.78
C SER A 38 5.81 8.28 -0.65
N LEU A 39 5.76 6.95 -0.88
CA LEU A 39 6.93 6.06 -0.91
C LEU A 39 7.56 6.10 -2.31
N PHE A 40 8.80 6.58 -2.42
CA PHE A 40 9.45 6.87 -3.70
C PHE A 40 9.93 5.63 -4.48
N THR A 41 10.25 4.53 -3.78
CA THR A 41 10.92 3.35 -4.35
C THR A 41 10.59 2.06 -3.56
N GLU A 42 10.96 0.90 -4.11
CA GLU A 42 10.72 -0.41 -3.50
C GLU A 42 11.46 -0.53 -2.15
N ASP A 43 12.63 0.09 -2.00
CA ASP A 43 13.34 0.12 -0.70
C ASP A 43 12.51 0.82 0.39
N ASP A 44 11.80 1.90 0.07
CA ASP A 44 10.90 2.59 1.00
C ASP A 44 9.66 1.74 1.31
N VAL A 45 9.10 1.03 0.31
CA VAL A 45 8.01 0.07 0.52
C VAL A 45 8.45 -1.10 1.41
N GLU A 46 9.61 -1.68 1.18
CA GLU A 46 10.17 -2.75 2.01
C GLU A 46 10.43 -2.27 3.45
N GLN A 47 10.97 -1.07 3.63
CA GLN A 47 11.11 -0.45 4.96
C GLN A 47 9.73 -0.27 5.60
N ALA A 48 8.76 0.28 4.87
CA ALA A 48 7.45 0.58 5.41
C ALA A 48 6.65 -0.70 5.77
N ALA A 49 6.87 -1.78 5.03
CA ALA A 49 6.32 -3.11 5.31
C ALA A 49 6.97 -3.75 6.55
N ASP A 50 8.30 -3.74 6.65
CA ASP A 50 9.04 -4.24 7.79
C ASP A 50 8.76 -3.47 9.10
N GLU A 51 8.44 -2.17 9.00
CA GLU A 51 7.96 -1.34 10.12
C GLU A 51 6.50 -1.64 10.53
N GLY A 52 5.78 -2.48 9.77
CA GLY A 52 4.37 -2.79 9.93
C GLY A 52 3.47 -1.70 9.33
N PHE A 53 2.97 -1.93 8.11
CA PHE A 53 2.20 -0.95 7.35
C PHE A 53 0.69 -0.95 7.69
N ASP A 54 0.00 0.15 7.40
CA ASP A 54 -1.45 0.31 7.59
C ASP A 54 -2.07 1.37 6.65
N CYS A 55 -3.36 1.19 6.33
CA CYS A 55 -4.09 2.11 5.48
C CYS A 55 -4.67 3.34 6.23
N VAL A 56 -5.28 4.21 5.42
CA VAL A 56 -5.82 5.52 5.78
C VAL A 56 -7.11 5.45 6.62
N SER A 57 -7.70 4.25 6.77
CA SER A 57 -8.86 3.99 7.65
C SER A 57 -8.43 3.32 8.95
N CYS A 58 -7.48 2.38 8.86
CA CYS A 58 -6.92 1.69 10.00
C CYS A 58 -6.12 2.67 10.88
N GLN A 59 -5.48 3.68 10.29
CA GLN A 59 -4.82 4.75 11.02
C GLN A 59 -5.75 5.50 12.01
N PRO A 60 -6.89 6.10 11.60
CA PRO A 60 -7.90 6.62 12.52
C PRO A 60 -8.36 5.62 13.60
N TYR A 61 -8.48 4.33 13.27
CA TYR A 61 -8.86 3.31 14.27
C TYR A 61 -7.74 3.01 15.30
N VAL A 62 -6.48 2.87 14.86
CA VAL A 62 -5.34 2.42 15.67
C VAL A 62 -4.60 3.53 16.43
N VAL A 63 -4.49 4.75 15.87
CA VAL A 63 -3.66 5.84 16.41
C VAL A 63 -4.17 6.24 17.81
N LYS A 64 -3.26 6.26 18.79
CA LYS A 64 -3.60 6.40 20.21
C LYS A 64 -4.26 7.76 20.51
CA LYS B 3 -1.30 -8.70 5.27
C LYS B 3 0.08 -8.10 5.34
N GLY B 4 0.18 -6.79 5.11
CA GLY B 4 1.43 -6.03 5.29
C GLY B 4 2.46 -6.17 4.15
N GLY B 5 2.09 -6.80 3.03
CA GLY B 5 2.99 -7.14 1.92
C GLY B 5 3.35 -6.02 0.95
N ALA B 6 4.10 -6.40 -0.08
CA ALA B 6 4.65 -5.53 -1.12
C ALA B 6 4.66 -6.21 -2.50
OH ALY B 7 -0.65 -11.00 -5.27
CH ALY B 7 -0.53 -10.20 -4.35
CH3 ALY B 7 -0.85 -10.64 -2.93
NZ ALY B 7 -0.15 -8.94 -4.51
CE ALY B 7 0.15 -8.36 -5.81
CD ALY B 7 0.85 -7.00 -5.69
CG ALY B 7 2.29 -7.12 -5.18
CB ALY B 7 3.04 -5.80 -5.42
CA ALY B 7 4.51 -5.83 -4.97
N ALY B 7 4.59 -5.40 -3.57
C ALY B 7 5.35 -4.91 -5.89
O ALY B 7 5.02 -3.74 -6.03
HH31 ALY B 7 0.04 -10.51 -2.31
HH32 ALY B 7 -1.13 -11.69 -2.94
HH33 ALY B 7 -1.68 -10.05 -2.56
HZ ALY B 7 -0.08 -8.35 -3.69
HE3 ALY B 7 0.79 -9.04 -6.38
HE2 ALY B 7 -0.77 -8.23 -6.36
HD3 ALY B 7 0.86 -6.55 -6.68
HD2 ALY B 7 0.28 -6.34 -5.03
HG3 ALY B 7 2.30 -7.37 -4.12
HG2 ALY B 7 2.81 -7.91 -5.73
HB3 ALY B 7 3.00 -5.59 -6.48
HB2 ALY B 7 2.52 -5.00 -4.90
HA ALY B 7 4.90 -6.85 -5.08
H ALY B 7 4.50 -4.41 -3.39
N ARG B 8 6.38 -5.45 -6.55
CA ARG B 8 7.16 -4.72 -7.58
C ARG B 8 6.38 -4.49 -8.89
N HIS B 9 5.38 -5.33 -9.17
CA HIS B 9 4.54 -5.29 -10.37
C HIS B 9 3.04 -5.38 -10.04
N ARG B 10 2.20 -4.74 -10.87
CA ARG B 10 0.75 -4.69 -10.73
ZN ZN C . -3.27 4.70 -5.63
ZN ZN D . -6.42 -1.15 6.74
N SER A 5 -7.33 -3.13 -2.04
CA SER A 5 -8.26 -3.56 -3.09
C SER A 5 -7.59 -3.93 -4.41
N LEU A 6 -6.29 -3.63 -4.54
CA LEU A 6 -5.38 -3.90 -5.67
C LEU A 6 -5.82 -3.25 -7.01
N VAL A 7 -6.88 -3.72 -7.67
CA VAL A 7 -7.31 -3.27 -9.02
C VAL A 7 -8.11 -1.96 -9.00
N THR A 8 -8.09 -1.25 -7.87
CA THR A 8 -8.67 0.06 -7.64
C THR A 8 -7.83 0.73 -6.56
N CYS A 9 -7.41 1.96 -6.84
CA CYS A 9 -6.80 2.86 -5.87
C CYS A 9 -7.83 3.96 -5.56
N PRO A 10 -8.56 3.88 -4.43
CA PRO A 10 -9.47 4.95 -3.98
C PRO A 10 -8.82 6.34 -3.84
N ILE A 11 -7.50 6.39 -3.74
CA ILE A 11 -6.73 7.64 -3.63
C ILE A 11 -6.58 8.31 -5.02
N CYS A 12 -6.40 7.51 -6.08
CA CYS A 12 -6.44 7.95 -7.48
C CYS A 12 -7.88 8.02 -8.07
N HIS A 13 -8.88 7.43 -7.39
CA HIS A 13 -10.26 7.18 -7.87
C HIS A 13 -10.31 6.14 -9.01
N ALA A 14 -9.46 5.11 -8.88
CA ALA A 14 -9.42 3.87 -9.68
C ALA A 14 -8.94 3.87 -11.17
N PRO A 15 -8.17 4.84 -11.72
CA PRO A 15 -7.54 4.75 -13.05
C PRO A 15 -6.31 3.80 -13.03
N TYR A 16 -6.52 2.55 -12.61
CA TYR A 16 -5.47 1.56 -12.34
C TYR A 16 -4.72 1.09 -13.60
N VAL A 17 -3.39 0.93 -13.47
CA VAL A 17 -2.49 0.32 -14.46
C VAL A 17 -1.43 -0.52 -13.72
N GLU A 18 -1.11 -1.72 -14.23
CA GLU A 18 -0.29 -2.72 -13.54
C GLU A 18 1.19 -2.32 -13.33
N GLU A 19 1.71 -1.34 -14.09
CA GLU A 19 3.12 -0.94 -14.03
C GLU A 19 3.52 -0.16 -12.75
N ASP A 20 2.55 0.48 -12.06
CA ASP A 20 2.79 1.22 -10.82
C ASP A 20 2.89 0.28 -9.60
N LEU A 21 4.01 0.33 -8.86
CA LEU A 21 4.26 -0.56 -7.72
C LEU A 21 3.38 -0.21 -6.50
N LEU A 22 3.04 -1.23 -5.71
CA LEU A 22 2.09 -1.16 -4.60
C LEU A 22 2.70 -1.59 -3.25
N ILE A 23 2.13 -1.02 -2.20
CA ILE A 23 2.32 -1.38 -0.79
C ILE A 23 1.05 -2.09 -0.30
N GLN A 24 1.19 -2.94 0.71
CA GLN A 24 0.06 -3.56 1.41
C GLN A 24 0.12 -3.28 2.91
N CYS A 25 -0.94 -2.71 3.46
CA CYS A 25 -1.10 -2.51 4.89
C CYS A 25 -1.10 -3.86 5.67
N ARG A 26 -0.65 -3.82 6.94
CA ARG A 26 -0.39 -5.06 7.71
C ARG A 26 -1.58 -5.58 8.53
N HIS A 27 -2.56 -4.74 8.86
CA HIS A 27 -3.63 -5.08 9.81
C HIS A 27 -4.96 -5.46 9.14
N CYS A 28 -5.25 -4.93 7.94
CA CYS A 28 -6.41 -5.28 7.12
C CYS A 28 -6.08 -5.80 5.69
N GLU A 29 -4.80 -5.82 5.31
CA GLU A 29 -4.22 -6.46 4.11
C GLU A 29 -4.64 -5.93 2.71
N ARG A 30 -5.19 -4.71 2.61
CA ARG A 30 -5.50 -4.05 1.33
C ARG A 30 -4.23 -3.50 0.63
N TRP A 31 -4.24 -3.47 -0.70
CA TRP A 31 -3.19 -2.88 -1.55
C TRP A 31 -3.51 -1.46 -2.03
N MET A 32 -2.48 -0.61 -2.15
CA MET A 32 -2.51 0.74 -2.70
C MET A 32 -1.15 1.11 -3.32
N HIS A 33 -1.08 2.07 -4.24
CA HIS A 33 0.19 2.48 -4.87
C HIS A 33 1.20 3.00 -3.83
N ALA A 34 2.49 2.78 -4.08
CA ALA A 34 3.58 3.26 -3.22
C ALA A 34 3.61 4.79 -3.06
N GLY A 35 3.53 5.53 -4.18
CA GLY A 35 3.52 7.00 -4.18
C GLY A 35 2.28 7.62 -3.52
N CYS A 36 1.14 6.90 -3.53
CA CYS A 36 -0.09 7.27 -2.84
C CYS A 36 0.02 7.16 -1.29
N GLU A 37 1.10 6.54 -0.80
CA GLU A 37 1.52 6.50 0.61
C GLU A 37 2.92 7.14 0.83
N SER A 38 3.41 7.91 -0.16
CA SER A 38 4.70 8.62 -0.17
C SER A 38 5.97 7.74 -0.11
N LEU A 39 5.89 6.45 -0.45
CA LEU A 39 7.07 5.59 -0.66
C LEU A 39 7.54 5.70 -2.12
N PHE A 40 8.79 6.09 -2.36
CA PHE A 40 9.31 6.34 -3.72
C PHE A 40 9.82 5.08 -4.43
N THR A 41 10.10 3.99 -3.70
CA THR A 41 10.73 2.76 -4.20
C THR A 41 10.13 1.49 -3.59
N GLU A 42 10.40 0.33 -4.19
CA GLU A 42 10.06 -0.98 -3.60
C GLU A 42 10.76 -1.21 -2.24
N ASP A 43 11.97 -0.69 -2.07
CA ASP A 43 12.71 -0.75 -0.80
C ASP A 43 12.07 0.14 0.28
N ASP A 44 11.61 1.34 -0.06
CA ASP A 44 10.85 2.20 0.84
C ASP A 44 9.51 1.56 1.26
N VAL A 45 8.83 0.86 0.34
CA VAL A 45 7.64 0.07 0.63
C VAL A 45 7.95 -1.10 1.58
N GLU A 46 9.02 -1.84 1.32
CA GLU A 46 9.44 -2.94 2.20
C GLU A 46 9.78 -2.42 3.61
N GLN A 47 10.42 -1.27 3.70
CA GLN A 47 10.69 -0.57 4.96
C GLN A 47 9.39 -0.20 5.68
N ALA A 48 8.39 0.34 4.96
CA ALA A 48 7.10 0.70 5.55
C ALA A 48 6.30 -0.53 6.03
N ALA A 49 6.35 -1.62 5.26
CA ALA A 49 5.74 -2.89 5.66
C ALA A 49 6.40 -3.47 6.92
N ASP A 50 7.74 -3.46 7.00
CA ASP A 50 8.49 -3.92 8.17
C ASP A 50 8.25 -3.03 9.42
N GLU A 51 7.96 -1.75 9.19
CA GLU A 51 7.56 -0.78 10.23
C GLU A 51 6.08 -0.90 10.65
N GLY A 52 5.35 -1.88 10.11
CA GLY A 52 3.97 -2.20 10.48
C GLY A 52 2.90 -1.25 9.90
N PHE A 53 3.12 -0.70 8.70
CA PHE A 53 2.22 0.25 8.03
C PHE A 53 0.72 -0.10 8.08
N ASP A 54 -0.08 0.90 8.41
CA ASP A 54 -1.52 0.89 8.61
C ASP A 54 -2.23 1.89 7.67
N CYS A 55 -3.29 1.43 6.99
CA CYS A 55 -4.19 2.29 6.22
C CYS A 55 -5.34 2.86 7.09
N VAL A 56 -6.34 3.42 6.42
CA VAL A 56 -7.55 3.93 7.07
C VAL A 56 -8.49 2.80 7.57
N SER A 57 -8.59 1.68 6.86
CA SER A 57 -9.32 0.47 7.30
C SER A 57 -8.55 -0.40 8.31
N CYS A 58 -7.23 -0.22 8.41
CA CYS A 58 -6.43 -0.83 9.46
C CYS A 58 -6.92 -0.37 10.84
N GLN A 59 -7.37 0.88 10.97
CA GLN A 59 -7.86 1.46 12.23
C GLN A 59 -9.02 0.65 12.86
N PRO A 60 -10.17 0.42 12.19
CA PRO A 60 -11.24 -0.44 12.73
C PRO A 60 -10.83 -1.92 12.86
N TYR A 61 -9.87 -2.43 12.07
CA TYR A 61 -9.38 -3.80 12.26
C TYR A 61 -8.50 -3.95 13.53
N VAL A 62 -7.56 -3.03 13.76
CA VAL A 62 -6.55 -3.11 14.85
C VAL A 62 -7.03 -2.62 16.23
N VAL A 63 -7.93 -1.63 16.29
CA VAL A 63 -8.50 -1.05 17.52
C VAL A 63 -10.02 -0.91 17.40
N LYS A 64 -10.69 -2.06 17.16
CA LYS A 64 -12.13 -2.17 16.91
C LYS A 64 -12.99 -1.54 18.03
CA LYS B 3 0.64 -10.82 1.42
C LYS B 3 1.98 -10.28 1.86
N GLY B 4 2.93 -10.21 0.92
CA GLY B 4 4.34 -9.90 1.18
C GLY B 4 4.71 -8.44 1.48
N GLY B 5 3.73 -7.52 1.53
CA GLY B 5 3.93 -6.09 1.84
C GLY B 5 4.29 -5.20 0.65
N ALA B 6 4.89 -5.77 -0.42
CA ALA B 6 5.33 -5.08 -1.62
C ALA B 6 4.96 -5.86 -2.90
OH ALY B 7 -0.01 -10.64 -6.10
CH ALY B 7 -0.98 -10.00 -6.48
CH3 ALY B 7 -2.38 -10.53 -6.23
NZ ALY B 7 -0.90 -8.83 -7.11
CE ALY B 7 0.35 -8.16 -7.46
CD ALY B 7 0.72 -7.13 -6.39
CG ALY B 7 2.20 -6.73 -6.54
CB ALY B 7 2.67 -5.97 -5.29
CA ALY B 7 4.19 -5.72 -5.26
N ALY B 7 4.56 -5.14 -3.95
C ALY B 7 4.66 -4.81 -6.41
O ALY B 7 4.31 -3.63 -6.44
HH31 ALY B 7 -2.94 -10.50 -7.16
HH32 ALY B 7 -2.86 -9.91 -5.48
HH33 ALY B 7 -2.31 -11.55 -5.87
HZ ALY B 7 -1.76 -8.38 -7.39
HE3 ALY B 7 1.14 -8.90 -7.54
HE2 ALY B 7 0.25 -7.65 -8.42
HD3 ALY B 7 0.09 -6.24 -6.48
HD2 ALY B 7 0.57 -7.58 -5.41
HG3 ALY B 7 2.82 -7.63 -6.63
HG2 ALY B 7 2.34 -6.12 -7.43
HB3 ALY B 7 2.15 -5.02 -5.22
HB2 ALY B 7 2.43 -6.58 -4.43
HA ALY B 7 4.70 -6.68 -5.38
H ALY B 7 4.43 -4.14 -3.84
N ARG B 8 5.49 -5.32 -7.33
CA ARG B 8 6.17 -4.53 -8.37
C ARG B 8 6.23 -5.31 -9.70
N HIS B 9 6.09 -4.58 -10.82
CA HIS B 9 5.92 -5.14 -12.18
C HIS B 9 7.18 -5.88 -12.70
N ARG B 10 6.97 -6.94 -13.50
CA ARG B 10 8.02 -7.76 -14.09
ZN ZN C . -3.08 5.72 -6.38
ZN ZN D . -5.42 -1.61 5.99
N SER A 5 -8.71 -6.85 -4.19
CA SER A 5 -7.94 -6.30 -3.06
C SER A 5 -6.91 -5.25 -3.50
N LEU A 6 -6.66 -5.13 -4.82
CA LEU A 6 -5.64 -4.26 -5.42
C LEU A 6 -6.08 -3.53 -6.70
N VAL A 7 -7.20 -3.92 -7.32
CA VAL A 7 -7.62 -3.44 -8.66
C VAL A 7 -8.26 -2.04 -8.63
N THR A 8 -8.51 -1.49 -7.43
CA THR A 8 -9.08 -0.15 -7.21
C THR A 8 -8.22 0.50 -6.14
N CYS A 9 -7.58 1.61 -6.49
CA CYS A 9 -6.89 2.50 -5.58
C CYS A 9 -7.67 3.83 -5.47
N PRO A 10 -8.58 3.99 -4.48
CA PRO A 10 -9.32 5.22 -4.24
C PRO A 10 -8.46 6.47 -4.04
N ILE A 11 -7.17 6.30 -3.77
CA ILE A 11 -6.25 7.43 -3.55
C ILE A 11 -5.99 8.20 -4.87
N CYS A 12 -5.85 7.48 -5.99
CA CYS A 12 -5.81 8.04 -7.34
C CYS A 12 -7.18 7.93 -8.09
N HIS A 13 -8.18 7.29 -7.45
CA HIS A 13 -9.50 6.92 -7.99
C HIS A 13 -9.45 5.90 -9.13
N ALA A 14 -8.61 4.87 -8.92
CA ALA A 14 -8.48 3.64 -9.70
C ALA A 14 -7.83 3.65 -11.13
N PRO A 15 -7.09 4.67 -11.60
CA PRO A 15 -6.32 4.60 -12.86
C PRO A 15 -5.05 3.73 -12.70
N TYR A 16 -5.25 2.41 -12.57
CA TYR A 16 -4.17 1.44 -12.28
C TYR A 16 -3.15 1.32 -13.43
N VAL A 17 -1.85 1.24 -13.09
CA VAL A 17 -0.74 1.07 -14.05
C VAL A 17 0.35 0.18 -13.46
N GLU A 18 1.00 -0.60 -14.32
CA GLU A 18 2.22 -1.37 -14.04
C GLU A 18 3.38 -0.44 -13.60
N GLU A 19 4.40 -1.05 -12.98
CA GLU A 19 5.65 -0.42 -12.52
C GLU A 19 5.53 0.68 -11.44
N ASP A 20 4.33 1.11 -11.04
CA ASP A 20 4.13 2.06 -9.92
C ASP A 20 4.50 1.47 -8.55
N LEU A 21 4.43 0.13 -8.42
CA LEU A 21 4.64 -0.70 -7.21
C LEU A 21 3.68 -0.40 -6.05
N LEU A 22 3.39 -1.42 -5.22
CA LEU A 22 2.34 -1.35 -4.21
C LEU A 22 2.76 -1.86 -2.83
N ILE A 23 2.03 -1.37 -1.82
CA ILE A 23 2.19 -1.67 -0.39
C ILE A 23 0.84 -2.03 0.22
N GLN A 24 0.83 -2.89 1.25
CA GLN A 24 -0.36 -3.50 1.81
C GLN A 24 -0.59 -3.18 3.29
N CYS A 25 -1.84 -2.91 3.68
CA CYS A 25 -2.22 -2.80 5.09
C CYS A 25 -2.20 -4.18 5.78
N ARG A 26 -1.48 -4.28 6.90
CA ARG A 26 -1.40 -5.52 7.72
C ARG A 26 -2.73 -5.95 8.36
N HIS A 27 -3.68 -5.01 8.52
CA HIS A 27 -5.00 -5.27 9.08
C HIS A 27 -6.04 -5.62 8.00
N CYS A 28 -6.09 -4.84 6.92
CA CYS A 28 -7.10 -4.94 5.87
C CYS A 28 -6.74 -5.91 4.72
N GLU A 29 -5.45 -6.12 4.45
CA GLU A 29 -4.90 -6.83 3.28
C GLU A 29 -5.15 -6.15 1.92
N ARG A 30 -5.81 -4.98 1.89
CA ARG A 30 -5.93 -4.13 0.70
C ARG A 30 -4.59 -3.47 0.35
N TRP A 31 -4.35 -3.28 -0.95
CA TRP A 31 -3.16 -2.70 -1.54
C TRP A 31 -3.36 -1.26 -2.05
N MET A 32 -2.31 -0.45 -1.94
CA MET A 32 -2.23 0.95 -2.42
C MET A 32 -0.90 1.15 -3.16
N HIS A 33 -0.83 2.04 -4.16
CA HIS A 33 0.45 2.39 -4.81
C HIS A 33 1.39 3.10 -3.83
N ALA A 34 2.70 2.90 -3.99
CA ALA A 34 3.72 3.46 -3.11
C ALA A 34 3.65 4.99 -3.01
N GLY A 35 3.66 5.68 -4.17
CA GLY A 35 3.61 7.14 -4.27
C GLY A 35 2.25 7.77 -3.94
N CYS A 36 1.16 6.99 -4.01
CA CYS A 36 -0.16 7.40 -3.56
C CYS A 36 -0.17 7.71 -2.05
N GLU A 37 0.41 6.84 -1.22
CA GLU A 37 0.55 7.10 0.21
C GLU A 37 1.73 8.01 0.56
N SER A 38 2.97 7.61 0.25
CA SER A 38 4.18 8.41 0.58
C SER A 38 5.50 7.86 0.02
N LEU A 39 5.70 6.53 0.01
CA LEU A 39 6.98 5.89 -0.29
C LEU A 39 7.42 6.14 -1.75
N PHE A 40 8.62 6.68 -1.95
CA PHE A 40 9.13 7.04 -3.29
C PHE A 40 9.71 5.84 -4.07
N THR A 41 10.16 4.79 -3.37
CA THR A 41 10.90 3.64 -3.96
C THR A 41 10.42 2.28 -3.44
N GLU A 42 10.85 1.21 -4.11
CA GLU A 42 10.64 -0.17 -3.66
C GLU A 42 11.33 -0.44 -2.31
N ASP A 43 12.52 0.15 -2.08
CA ASP A 43 13.24 0.04 -0.80
C ASP A 43 12.50 0.78 0.34
N ASP A 44 11.93 1.96 0.06
CA ASP A 44 11.10 2.69 1.02
C ASP A 44 9.82 1.91 1.38
N VAL A 45 9.19 1.26 0.40
CA VAL A 45 8.08 0.32 0.63
C VAL A 45 8.49 -0.91 1.43
N GLU A 46 9.64 -1.52 1.14
CA GLU A 46 10.14 -2.68 1.89
C GLU A 46 10.42 -2.31 3.36
N GLN A 47 10.97 -1.11 3.59
CA GLN A 47 11.12 -0.52 4.93
C GLN A 47 9.76 -0.33 5.62
N ALA A 48 8.77 0.24 4.94
CA ALA A 48 7.45 0.48 5.52
C ALA A 48 6.68 -0.83 5.81
N ALA A 49 6.83 -1.84 4.95
CA ALA A 49 6.28 -3.18 5.15
C ALA A 49 6.93 -3.91 6.33
N ASP A 50 8.27 -3.85 6.46
CA ASP A 50 9.01 -4.45 7.58
C ASP A 50 8.68 -3.77 8.93
N GLU A 51 8.36 -2.46 8.89
CA GLU A 51 7.88 -1.69 10.04
C GLU A 51 6.38 -1.93 10.37
N GLY A 52 5.66 -2.65 9.50
CA GLY A 52 4.23 -2.94 9.60
C GLY A 52 3.36 -1.78 9.11
N PHE A 53 2.98 -1.81 7.82
CA PHE A 53 2.21 -0.74 7.18
C PHE A 53 0.69 -0.84 7.45
N ASP A 54 0.01 0.30 7.41
CA ASP A 54 -1.43 0.48 7.70
C ASP A 54 -2.09 1.43 6.69
N CYS A 55 -3.30 1.13 6.23
CA CYS A 55 -4.01 1.95 5.24
C CYS A 55 -4.49 3.34 5.76
N VAL A 56 -5.13 4.06 4.84
CA VAL A 56 -5.72 5.39 4.99
C VAL A 56 -6.67 5.50 6.19
N SER A 57 -7.45 4.47 6.52
CA SER A 57 -8.37 4.45 7.67
C SER A 57 -7.72 3.91 8.95
N CYS A 58 -6.81 2.94 8.78
CA CYS A 58 -6.03 2.41 9.88
C CYS A 58 -5.09 3.47 10.47
N GLN A 59 -4.59 4.41 9.67
CA GLN A 59 -3.82 5.56 10.13
C GLN A 59 -4.53 6.36 11.25
N PRO A 60 -5.76 6.89 11.07
CA PRO A 60 -6.56 7.46 12.16
C PRO A 60 -6.76 6.50 13.35
N TYR A 61 -6.93 5.19 13.13
CA TYR A 61 -7.07 4.24 14.24
C TYR A 61 -5.75 3.99 15.03
N VAL A 62 -4.61 3.97 14.35
CA VAL A 62 -3.28 3.55 14.86
C VAL A 62 -2.30 4.67 15.27
N VAL A 63 -2.36 5.86 14.67
CA VAL A 63 -1.33 6.92 14.83
C VAL A 63 -1.83 8.37 14.71
N LYS A 64 -2.94 8.62 13.98
CA LYS A 64 -3.49 9.96 13.68
C LYS A 64 -2.43 10.92 13.09
CA LYS B 3 2.46 -12.16 -1.93
C LYS B 3 1.83 -11.48 -0.74
N GLY B 4 2.57 -10.59 -0.10
CA GLY B 4 2.13 -9.84 1.08
C GLY B 4 3.10 -8.70 1.47
N GLY B 5 2.56 -7.63 2.06
CA GLY B 5 3.30 -6.44 2.51
C GLY B 5 3.72 -5.49 1.38
N ALA B 6 4.46 -6.01 0.39
CA ALA B 6 5.04 -5.26 -0.74
C ALA B 6 5.01 -6.09 -2.03
OH ALY B 7 0.53 -10.39 -4.33
CH ALY B 7 -0.46 -9.94 -4.91
CH3 ALY B 7 -1.80 -10.61 -4.73
NZ ALY B 7 -0.44 -8.88 -5.72
CE ALY B 7 0.74 -8.07 -5.98
CD ALY B 7 0.81 -6.91 -4.97
CG ALY B 7 2.12 -6.10 -5.03
CB ALY B 7 3.36 -6.93 -4.70
CA ALY B 7 4.66 -6.12 -4.49
N ALY B 7 4.65 -5.47 -3.17
C ALY B 7 4.91 -5.16 -5.67
O ALY B 7 4.71 -3.95 -5.57
HH31 ALY B 7 -1.70 -11.47 -4.08
HH32 ALY B 7 -2.18 -10.93 -5.71
HH33 ALY B 7 -2.50 -9.90 -4.29
HZ ALY B 7 -1.30 -8.62 -6.16
HE3 ALY B 7 1.63 -8.68 -5.89
HE2 ALY B 7 0.69 -7.66 -6.99
HD3 ALY B 7 -0.03 -6.23 -5.14
HD2 ALY B 7 0.71 -7.31 -3.96
HG3 ALY B 7 2.22 -5.68 -6.04
HG2 ALY B 7 2.04 -5.28 -4.33
HB3 ALY B 7 3.17 -7.52 -3.80
HB2 ALY B 7 3.54 -7.65 -5.50
HA ALY B 7 5.48 -6.83 -4.51
H ALY B 7 4.41 -4.47 -3.14
N ARG B 8 5.30 -5.74 -6.83
CA ARG B 8 5.55 -5.02 -8.10
C ARG B 8 5.19 -5.92 -9.29
N HIS B 9 4.69 -5.32 -10.38
CA HIS B 9 4.25 -6.00 -11.60
C HIS B 9 4.47 -5.13 -12.85
N ARG B 10 4.75 -5.77 -14.00
CA ARG B 10 5.03 -5.12 -15.28
ZN ZN C . -3.17 4.91 -6.46
ZN ZN D . -6.30 -0.92 7.08
N SER A 5 -11.95 -5.60 -4.02
CA SER A 5 -11.67 -4.40 -3.23
C SER A 5 -10.23 -3.88 -3.40
N LEU A 6 -9.34 -4.66 -4.02
CA LEU A 6 -8.00 -4.24 -4.44
C LEU A 6 -8.07 -3.40 -5.73
N VAL A 7 -9.08 -3.62 -6.57
CA VAL A 7 -9.34 -2.88 -7.83
C VAL A 7 -9.92 -1.47 -7.56
N THR A 8 -9.58 -0.89 -6.40
CA THR A 8 -10.03 0.42 -5.93
C THR A 8 -8.94 0.98 -5.02
N CYS A 9 -8.26 2.02 -5.49
CA CYS A 9 -7.34 2.86 -4.72
C CYS A 9 -7.94 4.27 -4.50
N PRO A 10 -8.76 4.49 -3.44
CA PRO A 10 -9.33 5.80 -3.10
C PRO A 10 -8.32 6.94 -2.98
N ILE A 11 -7.04 6.62 -2.78
CA ILE A 11 -5.98 7.62 -2.58
C ILE A 11 -5.78 8.46 -3.85
N CYS A 12 -5.75 7.81 -5.03
CA CYS A 12 -5.81 8.49 -6.31
C CYS A 12 -7.30 8.74 -6.64
N HIS A 13 -8.00 7.65 -6.96
CA HIS A 13 -9.45 7.58 -7.20
C HIS A 13 -9.98 6.14 -7.00
N ALA A 14 -9.37 5.17 -7.69
CA ALA A 14 -9.76 3.77 -7.82
C ALA A 14 -8.87 2.92 -8.79
N PRO A 15 -8.44 3.42 -9.97
CA PRO A 15 -7.80 2.61 -11.01
C PRO A 15 -6.55 1.82 -10.57
N TYR A 16 -6.50 0.53 -10.88
CA TYR A 16 -5.39 -0.36 -10.50
C TYR A 16 -4.22 -0.30 -11.50
N VAL A 17 -3.71 0.93 -11.72
CA VAL A 17 -2.63 1.24 -12.69
C VAL A 17 -1.36 0.44 -12.39
N GLU A 18 -0.84 -0.26 -13.39
CA GLU A 18 0.35 -1.12 -13.31
C GLU A 18 1.70 -0.38 -13.48
N GLU A 19 1.68 0.89 -13.90
CA GLU A 19 2.88 1.74 -14.06
C GLU A 19 3.55 2.12 -12.71
N ASP A 20 2.85 1.94 -11.57
CA ASP A 20 3.35 2.13 -10.21
C ASP A 20 3.22 0.84 -9.38
N LEU A 21 4.26 0.50 -8.62
CA LEU A 21 4.24 -0.63 -7.67
C LEU A 21 3.34 -0.32 -6.47
N LEU A 22 2.90 -1.37 -5.75
CA LEU A 22 1.94 -1.29 -4.65
C LEU A 22 2.49 -1.79 -3.31
N ILE A 23 1.85 -1.32 -2.24
CA ILE A 23 2.02 -1.75 -0.84
C ILE A 23 0.66 -2.22 -0.30
N GLN A 24 0.65 -3.22 0.59
CA GLN A 24 -0.54 -3.61 1.35
C GLN A 24 -0.41 -3.41 2.86
N CYS A 25 -1.56 -3.17 3.49
CA CYS A 25 -1.74 -3.15 4.93
C CYS A 25 -1.34 -4.49 5.59
N ARG A 26 -0.65 -4.44 6.74
CA ARG A 26 -0.38 -5.65 7.56
C ARG A 26 -1.65 -6.25 8.17
N HIS A 27 -2.68 -5.43 8.42
CA HIS A 27 -3.86 -5.82 9.20
C HIS A 27 -5.02 -6.32 8.32
N CYS A 28 -5.40 -5.55 7.29
CA CYS A 28 -6.55 -5.84 6.43
C CYS A 28 -6.17 -6.26 4.97
N GLU A 29 -4.87 -6.35 4.66
CA GLU A 29 -4.30 -6.74 3.35
C GLU A 29 -4.68 -5.87 2.14
N ARG A 30 -5.47 -4.80 2.31
CA ARG A 30 -5.84 -3.90 1.21
C ARG A 30 -4.59 -3.28 0.56
N TRP A 31 -4.53 -3.35 -0.77
CA TRP A 31 -3.46 -2.78 -1.61
C TRP A 31 -3.71 -1.32 -1.97
N MET A 32 -2.62 -0.55 -2.13
CA MET A 32 -2.61 0.82 -2.65
C MET A 32 -1.25 1.11 -3.31
N HIS A 33 -1.16 2.08 -4.22
CA HIS A 33 0.11 2.43 -4.87
C HIS A 33 1.13 2.97 -3.87
N ALA A 34 2.41 2.63 -4.07
CA ALA A 34 3.52 3.13 -3.24
C ALA A 34 3.60 4.67 -3.30
N GLY A 35 3.50 5.26 -4.51
CA GLY A 35 3.51 6.71 -4.70
C GLY A 35 2.28 7.43 -4.13
N CYS A 36 1.11 6.77 -4.06
CA CYS A 36 -0.07 7.25 -3.36
C CYS A 36 0.22 7.51 -1.85
N GLU A 37 0.97 6.60 -1.22
CA GLU A 37 1.50 6.76 0.15
C GLU A 37 2.90 7.41 0.23
N SER A 38 3.34 8.09 -0.85
CA SER A 38 4.61 8.83 -0.96
C SER A 38 5.89 7.98 -0.80
N LEU A 39 5.79 6.65 -0.91
CA LEU A 39 6.90 5.70 -0.93
C LEU A 39 7.47 5.64 -2.37
N PHE A 40 8.73 6.04 -2.56
CA PHE A 40 9.34 6.25 -3.89
C PHE A 40 9.79 4.95 -4.58
N THR A 41 10.09 3.90 -3.81
CA THR A 41 10.73 2.66 -4.31
C THR A 41 10.40 1.44 -3.43
N GLU A 42 10.76 0.23 -3.87
CA GLU A 42 10.53 -1.01 -3.14
C GLU A 42 11.22 -1.00 -1.77
N ASP A 43 12.39 -0.38 -1.63
CA ASP A 43 13.09 -0.24 -0.35
C ASP A 43 12.29 0.59 0.67
N ASP A 44 11.54 1.61 0.24
CA ASP A 44 10.64 2.36 1.11
C ASP A 44 9.42 1.52 1.54
N VAL A 45 8.88 0.69 0.64
CA VAL A 45 7.79 -0.27 0.94
C VAL A 45 8.24 -1.36 1.90
N GLU A 46 9.40 -1.96 1.67
CA GLU A 46 10.05 -2.92 2.58
C GLU A 46 10.30 -2.30 3.96
N GLN A 47 10.82 -1.06 4.01
CA GLN A 47 10.95 -0.28 5.24
C GLN A 47 9.59 -0.07 5.93
N ALA A 48 8.55 0.33 5.19
CA ALA A 48 7.22 0.57 5.75
C ALA A 48 6.61 -0.71 6.35
N ALA A 49 6.76 -1.85 5.67
CA ALA A 49 6.31 -3.14 6.15
C ALA A 49 7.08 -3.62 7.39
N ASP A 50 8.40 -3.45 7.43
CA ASP A 50 9.23 -3.77 8.61
C ASP A 50 8.90 -2.87 9.82
N GLU A 51 8.48 -1.61 9.56
CA GLU A 51 7.98 -0.66 10.57
C GLU A 51 6.50 -0.92 10.99
N GLY A 52 5.82 -1.86 10.31
CA GLY A 52 4.45 -2.28 10.57
C GLY A 52 3.40 -1.36 9.93
N PHE A 53 3.35 -1.32 8.59
CA PHE A 53 2.45 -0.45 7.82
C PHE A 53 0.96 -0.79 7.99
N ASP A 54 0.20 0.15 8.56
CA ASP A 54 -1.26 0.16 8.63
C ASP A 54 -1.83 1.16 7.61
N CYS A 55 -2.96 0.85 6.98
CA CYS A 55 -3.55 1.70 5.96
C CYS A 55 -4.29 2.95 6.51
N VAL A 56 -4.89 3.69 5.58
CA VAL A 56 -5.64 4.94 5.76
C VAL A 56 -6.90 4.77 6.62
N SER A 57 -7.32 3.53 6.92
CA SER A 57 -8.45 3.18 7.78
C SER A 57 -7.99 2.53 9.10
N CYS A 58 -6.99 1.64 9.01
CA CYS A 58 -6.40 0.98 10.16
C CYS A 58 -5.69 2.00 11.07
N GLN A 59 -5.05 3.02 10.50
CA GLN A 59 -4.51 4.14 11.26
C GLN A 59 -5.54 4.87 12.14
N PRO A 60 -6.68 5.38 11.63
CA PRO A 60 -7.77 5.89 12.47
C PRO A 60 -8.17 4.97 13.64
N TYR A 61 -8.20 3.64 13.46
CA TYR A 61 -8.45 2.73 14.60
C TYR A 61 -7.26 2.54 15.56
N VAL A 62 -6.02 2.43 15.06
CA VAL A 62 -4.82 2.14 15.87
C VAL A 62 -4.29 3.35 16.66
N VAL A 63 -4.42 4.57 16.13
CA VAL A 63 -3.77 5.78 16.67
C VAL A 63 -4.24 6.05 18.10
N LYS A 64 -3.27 6.05 19.04
CA LYS A 64 -3.45 6.17 20.49
C LYS A 64 -4.55 5.22 21.03
CA LYS B 3 9.48 -6.58 5.65
C LYS B 3 8.35 -7.21 4.87
N GLY B 4 8.54 -7.35 3.56
CA GLY B 4 7.54 -7.86 2.62
C GLY B 4 6.50 -6.80 2.22
N GLY B 5 5.28 -7.25 1.89
CA GLY B 5 4.12 -6.39 1.63
C GLY B 5 4.15 -5.57 0.33
N ALA B 6 5.10 -5.86 -0.57
CA ALA B 6 5.27 -5.19 -1.87
C ALA B 6 4.71 -6.01 -3.06
OH ALY B 7 -1.81 -10.07 -7.48
CH ALY B 7 -2.37 -8.98 -7.41
CH3 ALY B 7 -3.85 -8.91 -7.14
NZ ALY B 7 -1.76 -7.81 -7.56
CE ALY B 7 -0.33 -7.61 -7.75
CD ALY B 7 0.28 -7.06 -6.45
CG ALY B 7 1.78 -6.82 -6.62
CB ALY B 7 2.35 -6.18 -5.35
CA ALY B 7 3.86 -5.91 -5.40
N ALY B 7 4.28 -5.32 -4.12
C ALY B 7 4.23 -5.02 -6.59
O ALY B 7 3.77 -3.88 -6.68
HH31 ALY B 7 -4.35 -8.40 -7.96
HH32 ALY B 7 -4.01 -8.35 -6.21
HH33 ALY B 7 -4.26 -9.92 -7.03
HZ ALY B 7 -2.33 -6.97 -7.46
HE3 ALY B 7 0.16 -8.55 -8.01
HE2 ALY B 7 -0.17 -6.90 -8.56
HD3 ALY B 7 -0.21 -6.12 -6.20
HD2 ALY B 7 0.11 -7.78 -5.64
HG3 ALY B 7 2.29 -7.78 -6.81
HG2 ALY B 7 1.95 -6.16 -7.47
HB3 ALY B 7 1.82 -5.24 -5.16
HB2 ALY B 7 2.16 -6.86 -4.51
HA ALY B 7 4.37 -6.86 -5.53
H ALY B 7 4.22 -4.31 -4.03
N ARG B 8 5.09 -5.49 -7.51
CA ARG B 8 5.48 -4.76 -8.75
C ARG B 8 4.37 -4.74 -9.81
N HIS B 9 3.62 -5.84 -9.92
CA HIS B 9 2.55 -6.06 -10.90
C HIS B 9 1.31 -5.19 -10.63
N ARG B 10 0.44 -5.06 -11.64
CA ARG B 10 -0.84 -4.34 -11.52
ZN ZN C . -3.59 5.05 -5.95
ZN ZN D . -5.78 -1.72 6.84
N SER A 5 -9.25 -1.65 -9.98
CA SER A 5 -9.41 -3.04 -10.45
C SER A 5 -9.40 -4.05 -9.29
N LEU A 6 -8.78 -3.67 -8.16
CA LEU A 6 -8.75 -4.43 -6.89
C LEU A 6 -9.06 -3.52 -5.70
N VAL A 7 -8.54 -2.29 -5.73
CA VAL A 7 -8.79 -1.21 -4.78
C VAL A 7 -8.87 0.08 -5.60
N THR A 8 -9.96 0.80 -5.40
CA THR A 8 -10.39 1.98 -6.20
C THR A 8 -9.54 3.24 -5.92
N CYS A 9 -8.38 3.08 -5.25
CA CYS A 9 -7.48 4.09 -4.69
C CYS A 9 -7.96 5.56 -4.88
N PRO A 10 -8.85 6.05 -4.00
CA PRO A 10 -9.35 7.43 -4.03
C PRO A 10 -8.27 8.52 -3.97
N ILE A 11 -7.06 8.16 -3.56
CA ILE A 11 -5.92 9.08 -3.47
C ILE A 11 -5.51 9.58 -4.87
N CYS A 12 -5.54 8.72 -5.88
CA CYS A 12 -5.39 9.04 -7.31
C CYS A 12 -6.75 9.04 -8.08
N HIS A 13 -7.83 8.66 -7.39
CA HIS A 13 -9.19 8.45 -7.90
C HIS A 13 -9.30 7.34 -8.96
N ALA A 14 -8.83 6.16 -8.57
CA ALA A 14 -8.98 4.88 -9.26
C ALA A 14 -8.26 4.55 -10.61
N PRO A 15 -7.21 5.26 -11.12
CA PRO A 15 -6.45 4.85 -12.30
C PRO A 15 -5.49 3.65 -12.01
N TYR A 16 -6.03 2.55 -11.49
CA TYR A 16 -5.27 1.39 -11.02
C TYR A 16 -4.57 0.64 -12.16
N VAL A 17 -3.25 0.40 -12.04
CA VAL A 17 -2.45 -0.47 -12.90
C VAL A 17 -1.23 -1.00 -12.15
N GLU A 18 -0.95 -2.30 -12.28
CA GLU A 18 0.12 -3.01 -11.55
C GLU A 18 1.56 -2.62 -11.99
N GLU A 19 1.69 -1.84 -13.06
CA GLU A 19 2.96 -1.22 -13.47
C GLU A 19 3.47 -0.21 -12.42
N ASP A 20 2.56 0.52 -11.76
CA ASP A 20 2.88 1.35 -10.60
C ASP A 20 2.94 0.47 -9.34
N LEU A 21 4.09 0.45 -8.66
CA LEU A 21 4.30 -0.49 -7.53
C LEU A 21 3.42 -0.16 -6.33
N LEU A 22 3.05 -1.19 -5.57
CA LEU A 22 2.07 -1.12 -4.48
C LEU A 22 2.64 -1.58 -3.14
N ILE A 23 2.02 -1.07 -2.08
CA ILE A 23 2.17 -1.45 -0.68
C ILE A 23 0.84 -2.10 -0.21
N GLN A 24 0.89 -2.93 0.84
CA GLN A 24 -0.28 -3.61 1.41
C GLN A 24 -0.46 -3.28 2.90
N CYS A 25 -1.70 -3.08 3.36
CA CYS A 25 -1.99 -2.99 4.78
C CYS A 25 -1.79 -4.34 5.49
N ARG A 26 -1.01 -4.34 6.58
CA ARG A 26 -0.80 -5.51 7.46
C ARG A 26 -2.06 -6.00 8.17
N HIS A 27 -3.06 -5.13 8.34
CA HIS A 27 -4.32 -5.40 9.06
C HIS A 27 -5.49 -5.71 8.11
N CYS A 28 -5.62 -4.94 7.03
CA CYS A 28 -6.73 -5.01 6.09
C CYS A 28 -6.47 -5.99 4.92
N GLU A 29 -5.20 -6.23 4.58
CA GLU A 29 -4.74 -7.02 3.43
C GLU A 29 -5.07 -6.40 2.05
N ARG A 30 -5.58 -5.16 2.03
CA ARG A 30 -5.82 -4.36 0.82
C ARG A 30 -4.53 -3.71 0.31
N TRP A 31 -4.43 -3.56 -1.01
CA TRP A 31 -3.32 -2.88 -1.70
C TRP A 31 -3.59 -1.39 -1.97
N MET A 32 -2.54 -0.59 -2.03
CA MET A 32 -2.57 0.82 -2.46
C MET A 32 -1.21 1.20 -3.06
N HIS A 33 -1.15 2.21 -3.94
CA HIS A 33 0.09 2.56 -4.64
C HIS A 33 1.14 3.13 -3.68
N ALA A 34 2.42 2.83 -3.95
CA ALA A 34 3.53 3.29 -3.12
C ALA A 34 3.62 4.83 -3.09
N GLY A 35 3.52 5.50 -4.26
CA GLY A 35 3.57 6.96 -4.36
C GLY A 35 2.39 7.66 -3.66
N CYS A 36 1.19 7.06 -3.72
CA CYS A 36 0.01 7.50 -2.96
C CYS A 36 0.26 7.49 -1.43
N GLU A 37 1.09 6.56 -0.94
CA GLU A 37 1.55 6.47 0.45
C GLU A 37 2.94 7.08 0.72
N SER A 38 3.51 7.82 -0.24
CA SER A 38 4.80 8.53 -0.16
C SER A 38 6.05 7.62 -0.06
N LEU A 39 5.97 6.38 -0.57
CA LEU A 39 7.12 5.47 -0.78
C LEU A 39 7.52 5.51 -2.27
N PHE A 40 8.81 5.66 -2.60
CA PHE A 40 9.27 5.92 -3.98
C PHE A 40 9.98 4.74 -4.66
N THR A 41 10.13 3.60 -3.97
CA THR A 41 10.74 2.36 -4.47
C THR A 41 10.29 1.16 -3.63
N GLU A 42 10.54 -0.07 -4.10
CA GLU A 42 10.24 -1.30 -3.36
C GLU A 42 10.95 -1.32 -1.99
N ASP A 43 12.18 -0.81 -1.91
CA ASP A 43 12.93 -0.73 -0.64
C ASP A 43 12.24 0.19 0.39
N ASP A 44 11.59 1.27 -0.04
CA ASP A 44 10.80 2.14 0.83
C ASP A 44 9.51 1.44 1.31
N VAL A 45 8.84 0.67 0.44
CA VAL A 45 7.68 -0.16 0.82
C VAL A 45 8.07 -1.28 1.79
N GLU A 46 9.19 -1.95 1.55
CA GLU A 46 9.79 -2.95 2.44
C GLU A 46 10.14 -2.33 3.80
N GLN A 47 10.65 -1.09 3.83
CA GLN A 47 10.89 -0.35 5.07
C GLN A 47 9.57 -0.06 5.79
N ALA A 48 8.56 0.40 5.06
CA ALA A 48 7.27 0.73 5.65
C ALA A 48 6.57 -0.51 6.24
N ALA A 49 6.69 -1.67 5.60
CA ALA A 49 6.20 -2.95 6.10
C ALA A 49 6.94 -3.40 7.38
N ASP A 50 8.28 -3.31 7.42
CA ASP A 50 9.08 -3.58 8.63
C ASP A 50 8.76 -2.61 9.78
N GLU A 51 8.42 -1.36 9.45
CA GLU A 51 7.94 -0.32 10.38
C GLU A 51 6.46 -0.48 10.81
N GLY A 52 5.76 -1.49 10.26
CA GLY A 52 4.38 -1.81 10.62
C GLY A 52 3.33 -0.85 10.03
N PHE A 53 3.39 -0.60 8.71
CA PHE A 53 2.43 0.24 7.97
C PHE A 53 0.95 -0.17 8.19
N ASP A 54 0.15 0.77 8.67
CA ASP A 54 -1.32 0.72 8.76
C ASP A 54 -1.94 1.78 7.82
N CYS A 55 -3.10 1.49 7.21
CA CYS A 55 -3.66 2.31 6.14
C CYS A 55 -4.48 3.52 6.61
N VAL A 56 -5.07 4.21 5.64
CA VAL A 56 -5.96 5.35 5.88
C VAL A 56 -7.27 4.94 6.56
N SER A 57 -7.84 3.80 6.20
CA SER A 57 -9.05 3.25 6.85
C SER A 57 -8.78 2.65 8.23
N CYS A 58 -7.52 2.28 8.49
CA CYS A 58 -7.08 1.81 9.79
C CYS A 58 -7.29 2.90 10.85
N GLN A 59 -7.09 4.18 10.50
CA GLN A 59 -7.24 5.30 11.43
C GLN A 59 -8.61 5.32 12.15
N PRO A 60 -9.78 5.37 11.46
CA PRO A 60 -11.08 5.24 12.12
C PRO A 60 -11.33 3.86 12.77
N TYR A 61 -10.78 2.76 12.22
CA TYR A 61 -10.90 1.44 12.88
C TYR A 61 -10.18 1.37 14.23
N VAL A 62 -8.96 1.90 14.33
CA VAL A 62 -8.04 1.74 15.48
C VAL A 62 -8.12 2.84 16.56
N VAL A 63 -8.50 4.07 16.21
CA VAL A 63 -8.49 5.22 17.15
C VAL A 63 -9.53 6.32 16.86
N LYS A 64 -9.83 6.61 15.60
CA LYS A 64 -10.73 7.70 15.14
C LYS A 64 -10.43 9.06 15.80
CA LYS B 3 9.54 -6.49 5.72
C LYS B 3 8.38 -7.08 4.95
N GLY B 4 8.58 -7.32 3.66
CA GLY B 4 7.55 -7.79 2.73
C GLY B 4 6.61 -6.68 2.24
N GLY B 5 5.40 -7.08 1.83
CA GLY B 5 4.29 -6.16 1.53
C GLY B 5 4.42 -5.33 0.24
N ALA B 6 5.40 -5.60 -0.62
CA ALA B 6 5.61 -4.93 -1.91
C ALA B 6 5.11 -5.75 -3.11
OH ALY B 7 -1.07 -10.01 -6.13
CH ALY B 7 -1.93 -9.13 -6.26
CH3 ALY B 7 -3.35 -9.41 -5.84
NZ ALY B 7 -1.67 -7.92 -6.74
CE ALY B 7 -0.36 -7.47 -7.20
CD ALY B 7 0.41 -6.86 -6.02
CG ALY B 7 1.85 -6.51 -6.43
CB ALY B 7 2.59 -5.94 -5.19
CA ALY B 7 4.09 -5.67 -5.39
N ALY B 7 4.61 -5.07 -4.16
C ALY B 7 4.35 -4.79 -6.63
O ALY B 7 4.12 -3.58 -6.57
HH31 ALY B 7 -3.96 -9.54 -6.74
HH32 ALY B 7 -3.73 -8.58 -5.25
HH33 ALY B 7 -3.38 -10.32 -5.24
HZ ALY B 7 -2.45 -7.28 -6.80
HE3 ALY B 7 0.20 -8.30 -7.61
HE2 ALY B 7 -0.49 -6.71 -7.98
HD3 ALY B 7 -0.11 -5.96 -5.68
HD2 ALY B 7 0.43 -7.58 -5.20
HG3 ALY B 7 2.36 -7.41 -6.77
HG2 ALY B 7 1.83 -5.78 -7.22
HB3 ALY B 7 2.10 -5.03 -4.89
HB2 ALY B 7 2.50 -6.67 -4.38
HA ALY B 7 4.59 -6.63 -5.56
H ALY B 7 4.52 -4.05 -4.06
N ARG B 8 4.80 -5.37 -7.75
CA ARG B 8 5.02 -4.69 -9.05
C ARG B 8 4.92 -5.69 -10.22
N HIS B 9 4.42 -5.24 -11.38
CA HIS B 9 4.39 -6.02 -12.62
C HIS B 9 5.81 -6.38 -13.14
N ARG B 10 5.93 -7.53 -13.82
CA ARG B 10 7.18 -8.02 -14.41
ZN ZN C . -3.38 5.59 -5.87
ZN ZN D . -5.66 -1.03 7.26
N SER A 5 -11.38 -3.90 -3.85
CA SER A 5 -10.53 -4.62 -4.80
C SER A 5 -9.07 -4.13 -4.79
N LEU A 6 -8.15 -5.00 -5.24
CA LEU A 6 -6.74 -4.65 -5.51
C LEU A 6 -6.66 -3.62 -6.65
N VAL A 7 -7.54 -3.76 -7.64
CA VAL A 7 -7.63 -2.92 -8.85
C VAL A 7 -8.33 -1.57 -8.56
N THR A 8 -8.26 -1.08 -7.31
CA THR A 8 -8.90 0.15 -6.83
C THR A 8 -7.99 0.74 -5.76
N CYS A 9 -7.47 1.93 -6.03
CA CYS A 9 -6.76 2.77 -5.08
C CYS A 9 -7.59 4.04 -4.81
N PRO A 10 -8.42 4.08 -3.75
CA PRO A 10 -9.18 5.26 -3.34
C PRO A 10 -8.36 6.53 -3.10
N ILE A 11 -7.03 6.41 -3.00
CA ILE A 11 -6.16 7.56 -2.76
C ILE A 11 -6.07 8.45 -4.01
N CYS A 12 -5.97 7.83 -5.20
CA CYS A 12 -6.11 8.49 -6.51
C CYS A 12 -7.53 8.36 -7.13
N HIS A 13 -8.41 7.62 -6.46
CA HIS A 13 -9.76 7.21 -6.88
C HIS A 13 -9.78 6.29 -8.13
N ALA A 14 -8.91 5.28 -8.08
CA ALA A 14 -8.82 4.14 -8.99
C ALA A 14 -8.31 4.31 -10.47
N PRO A 15 -7.61 5.37 -10.91
CA PRO A 15 -6.95 5.45 -12.22
C PRO A 15 -5.68 4.56 -12.27
N TYR A 16 -5.86 3.24 -12.16
CA TYR A 16 -4.80 2.24 -12.00
C TYR A 16 -3.85 2.18 -13.20
N VAL A 17 -2.57 1.87 -12.94
CA VAL A 17 -1.53 1.67 -13.96
C VAL A 17 -0.52 0.60 -13.49
N GLU A 18 -0.18 -0.34 -14.38
CA GLU A 18 0.63 -1.52 -14.06
C GLU A 18 2.12 -1.22 -13.79
N GLU A 19 2.61 -0.09 -14.31
CA GLU A 19 4.02 0.32 -14.18
C GLU A 19 4.42 0.75 -12.75
N ASP A 20 3.46 1.18 -11.91
CA ASP A 20 3.73 1.65 -10.54
C ASP A 20 3.92 0.51 -9.53
N LEU A 21 4.70 0.78 -8.47
CA LEU A 21 4.95 -0.10 -7.33
C LEU A 21 3.80 0.03 -6.30
N LEU A 22 3.38 -1.07 -5.68
CA LEU A 22 2.29 -1.12 -4.70
C LEU A 22 2.73 -1.61 -3.31
N ILE A 23 1.95 -1.22 -2.29
CA ILE A 23 2.10 -1.52 -0.86
C ILE A 23 0.78 -2.11 -0.31
N GLN A 24 0.86 -2.93 0.74
CA GLN A 24 -0.26 -3.64 1.36
C GLN A 24 -0.38 -3.41 2.88
N CYS A 25 -1.59 -3.21 3.40
CA CYS A 25 -1.86 -3.16 4.84
C CYS A 25 -1.66 -4.54 5.50
N ARG A 26 -0.90 -4.58 6.61
CA ARG A 26 -0.65 -5.82 7.38
C ARG A 26 -1.90 -6.39 8.09
N HIS A 27 -2.91 -5.57 8.36
CA HIS A 27 -4.18 -6.01 8.97
C HIS A 27 -5.22 -6.43 7.92
N CYS A 28 -5.51 -5.54 6.97
CA CYS A 28 -6.62 -5.64 6.04
C CYS A 28 -6.29 -6.43 4.74
N GLU A 29 -4.99 -6.62 4.43
CA GLU A 29 -4.48 -7.20 3.18
C GLU A 29 -4.86 -6.42 1.90
N ARG A 30 -5.48 -5.23 2.04
CA ARG A 30 -5.81 -4.32 0.93
C ARG A 30 -4.55 -3.61 0.41
N TRP A 31 -4.58 -3.23 -0.87
CA TRP A 31 -3.46 -2.63 -1.61
C TRP A 31 -3.65 -1.15 -1.97
N MET A 32 -2.52 -0.45 -2.09
CA MET A 32 -2.39 0.96 -2.50
C MET A 32 -1.13 1.15 -3.35
N HIS A 33 -1.05 2.20 -4.16
CA HIS A 33 0.22 2.54 -4.82
C HIS A 33 1.23 3.09 -3.79
N ALA A 34 2.51 2.74 -3.95
CA ALA A 34 3.58 3.20 -3.08
C ALA A 34 3.71 4.75 -3.09
N GLY A 35 3.63 5.38 -4.26
CA GLY A 35 3.65 6.84 -4.40
C GLY A 35 2.44 7.55 -3.79
N CYS A 36 1.25 6.92 -3.85
CA CYS A 36 0.05 7.38 -3.15
C CYS A 36 0.26 7.41 -1.62
N GLU A 37 0.91 6.40 -1.06
CA GLU A 37 1.34 6.36 0.35
C GLU A 37 2.71 7.05 0.62
N SER A 38 3.24 7.79 -0.37
CA SER A 38 4.47 8.59 -0.30
C SER A 38 5.80 7.80 -0.12
N LEU A 39 5.82 6.49 -0.36
CA LEU A 39 7.07 5.70 -0.43
C LEU A 39 7.72 5.87 -1.82
N PHE A 40 9.02 6.15 -1.84
CA PHE A 40 9.77 6.48 -3.06
C PHE A 40 10.01 5.26 -3.99
N THR A 41 10.22 4.07 -3.41
CA THR A 41 10.60 2.84 -4.14
C THR A 41 10.31 1.59 -3.31
N GLU A 42 10.50 0.38 -3.86
CA GLU A 42 10.22 -0.89 -3.19
C GLU A 42 11.04 -1.08 -1.90
N ASP A 43 12.28 -0.59 -1.85
CA ASP A 43 13.10 -0.58 -0.62
C ASP A 43 12.48 0.29 0.50
N ASP A 44 11.88 1.42 0.11
CA ASP A 44 11.16 2.32 1.01
C ASP A 44 9.82 1.69 1.48
N VAL A 45 9.17 0.89 0.62
CA VAL A 45 8.01 0.06 1.02
C VAL A 45 8.44 -1.09 1.96
N GLU A 46 9.61 -1.68 1.76
CA GLU A 46 10.16 -2.68 2.69
C GLU A 46 10.44 -2.04 4.08
N GLN A 47 10.87 -0.77 4.11
CA GLN A 47 10.97 0.01 5.34
C GLN A 47 9.59 0.21 5.99
N ALA A 48 8.56 0.52 5.20
CA ALA A 48 7.20 0.65 5.71
C ALA A 48 6.64 -0.69 6.24
N ALA A 49 6.96 -1.81 5.59
CA ALA A 49 6.60 -3.15 6.03
C ALA A 49 7.30 -3.55 7.36
N ASP A 50 8.59 -3.24 7.50
CA ASP A 50 9.33 -3.44 8.76
C ASP A 50 8.78 -2.56 9.90
N GLU A 51 8.28 -1.38 9.57
CA GLU A 51 7.55 -0.48 10.49
C GLU A 51 6.08 -0.91 10.74
N GLY A 52 5.62 -1.97 10.09
CA GLY A 52 4.27 -2.54 10.25
C GLY A 52 3.15 -1.69 9.64
N PHE A 53 3.31 -1.24 8.39
CA PHE A 53 2.35 -0.41 7.65
C PHE A 53 0.89 -0.92 7.73
N ASP A 54 -0.01 0.01 8.02
CA ASP A 54 -1.46 -0.20 8.10
C ASP A 54 -2.24 0.98 7.49
N CYS A 55 -3.42 0.69 6.92
CA CYS A 55 -4.19 1.66 6.15
C CYS A 55 -5.06 2.60 7.02
N VAL A 56 -6.36 2.68 6.76
CA VAL A 56 -7.24 3.69 7.40
C VAL A 56 -8.42 3.12 8.21
N SER A 57 -9.01 1.98 7.82
CA SER A 57 -10.17 1.37 8.52
C SER A 57 -9.75 0.47 9.70
N CYS A 58 -8.53 -0.05 9.69
CA CYS A 58 -7.93 -0.77 10.81
C CYS A 58 -7.77 0.13 12.05
N GLN A 59 -7.40 1.39 11.85
CA GLN A 59 -7.15 2.38 12.88
C GLN A 59 -8.33 2.51 13.89
N PRO A 60 -9.60 2.71 13.48
CA PRO A 60 -10.74 2.65 14.39
C PRO A 60 -11.15 1.22 14.80
N TYR A 61 -11.02 0.21 13.92
CA TYR A 61 -11.53 -1.15 14.18
C TYR A 61 -10.54 -2.02 14.98
N VAL A 62 -9.51 -2.58 14.33
CA VAL A 62 -8.59 -3.56 14.94
C VAL A 62 -7.53 -2.94 15.89
N VAL A 63 -7.00 -1.76 15.56
CA VAL A 63 -6.02 -1.01 16.36
C VAL A 63 -6.72 -0.25 17.50
N LYS A 64 -7.99 0.11 17.27
CA LYS A 64 -8.89 0.88 18.14
C LYS A 64 -8.21 2.04 18.86
CA LYS B 3 9.70 -5.43 -0.43
C LYS B 3 8.72 -5.71 0.68
N GLY B 4 8.67 -6.97 1.14
CA GLY B 4 7.69 -7.43 2.14
C GLY B 4 6.27 -7.42 1.57
N GLY B 5 5.37 -6.63 2.17
CA GLY B 5 4.01 -6.37 1.67
C GLY B 5 4.01 -5.44 0.44
N ALA B 6 4.63 -5.86 -0.66
CA ALA B 6 4.81 -5.10 -1.89
C ALA B 6 4.60 -5.95 -3.16
OH ALY B 7 -0.08 -10.39 -4.95
CH ALY B 7 -1.02 -10.04 -5.66
CH3 ALY B 7 -2.35 -10.73 -5.56
NZ ALY B 7 -0.95 -9.03 -6.54
CE ALY B 7 0.24 -8.22 -6.77
CD ALY B 7 0.22 -6.97 -5.86
CG ALY B 7 1.48 -6.10 -5.98
CB ALY B 7 2.79 -6.86 -5.67
CA ALY B 7 4.05 -5.98 -5.57
N ALY B 7 4.13 -5.33 -4.25
C ALY B 7 4.13 -4.98 -6.74
O ALY B 7 3.92 -3.79 -6.57
HH31 ALY B 7 -2.26 -11.58 -4.88
HH32 ALY B 7 -2.66 -11.07 -6.54
HH33 ALY B 7 -3.08 -10.04 -5.15
HZ ALY B 7 -1.76 -8.83 -7.09
HE3 ALY B 7 1.13 -8.81 -6.56
HE2 ALY B 7 0.29 -7.90 -7.81
HD3 ALY B 7 -0.64 -6.35 -6.11
HD2 ALY B 7 0.12 -7.31 -4.83
HG3 ALY B 7 1.52 -5.70 -6.99
HG2 ALY B 7 1.38 -5.28 -5.28
HB3 ALY B 7 2.65 -7.42 -4.74
HB2 ALY B 7 2.95 -7.60 -6.47
HA ALY B 7 4.91 -6.64 -5.67
H ALY B 7 3.94 -4.33 -4.20
N ARG B 8 4.37 -5.50 -7.95
CA ARG B 8 4.34 -4.76 -9.23
C ARG B 8 3.74 -5.59 -10.36
N HIS B 9 3.40 -4.92 -11.47
CA HIS B 9 2.92 -5.52 -12.72
C HIS B 9 3.74 -5.03 -13.93
N ARG B 10 3.33 -5.37 -15.16
CA ARG B 10 4.01 -4.99 -16.40
ZN ZN C . -3.28 5.40 -6.05
ZN ZN D . -5.74 -1.51 7.15
N SER A 5 -9.87 -5.98 -3.37
CA SER A 5 -8.89 -5.48 -2.40
C SER A 5 -7.77 -4.64 -3.04
N LEU A 6 -7.74 -4.54 -4.37
CA LEU A 6 -6.67 -3.89 -5.15
C LEU A 6 -7.10 -3.24 -6.48
N VAL A 7 -8.25 -3.65 -7.05
CA VAL A 7 -8.65 -3.27 -8.43
C VAL A 7 -9.10 -1.80 -8.60
N THR A 8 -9.29 -1.06 -7.50
CA THR A 8 -9.59 0.37 -7.48
C THR A 8 -8.78 0.99 -6.37
N CYS A 9 -8.09 2.07 -6.72
CA CYS A 9 -7.43 2.97 -5.80
C CYS A 9 -8.21 4.30 -5.72
N PRO A 10 -9.08 4.49 -4.71
CA PRO A 10 -9.77 5.76 -4.46
C PRO A 10 -8.84 6.96 -4.26
N ILE A 11 -7.55 6.72 -3.96
CA ILE A 11 -6.56 7.79 -3.82
C ILE A 11 -6.17 8.36 -5.19
N CYS A 12 -6.08 7.49 -6.19
CA CYS A 12 -5.74 7.83 -7.58
C CYS A 12 -7.00 8.03 -8.49
N HIS A 13 -8.21 7.74 -7.98
CA HIS A 13 -9.49 7.66 -8.71
C HIS A 13 -9.54 6.50 -9.74
N ALA A 14 -9.02 5.34 -9.33
CA ALA A 14 -9.12 4.05 -10.03
C ALA A 14 -8.38 3.80 -11.38
N PRO A 15 -7.32 4.53 -11.80
CA PRO A 15 -6.60 4.23 -13.05
C PRO A 15 -5.74 2.95 -12.98
N TYR A 16 -5.33 2.53 -11.77
CA TYR A 16 -4.51 1.35 -11.49
C TYR A 16 -3.21 1.26 -12.33
N VAL A 17 -2.26 2.17 -12.05
CA VAL A 17 -0.89 2.10 -12.62
C VAL A 17 -0.05 1.08 -11.84
N GLU A 18 0.03 -0.14 -12.37
CA GLU A 18 0.73 -1.27 -11.74
C GLU A 18 2.27 -1.12 -11.73
N GLU A 19 2.83 -0.36 -12.68
CA GLU A 19 4.27 -0.08 -12.78
C GLU A 19 4.79 0.85 -11.66
N ASP A 20 3.91 1.50 -10.89
CA ASP A 20 4.30 2.33 -9.73
C ASP A 20 4.81 1.50 -8.52
N LEU A 21 4.51 0.20 -8.52
CA LEU A 21 4.67 -0.75 -7.40
C LEU A 21 3.70 -0.44 -6.23
N LEU A 22 3.35 -1.47 -5.47
CA LEU A 22 2.28 -1.44 -4.47
C LEU A 22 2.71 -2.01 -3.11
N ILE A 23 1.95 -1.63 -2.08
CA ILE A 23 2.07 -2.05 -0.69
C ILE A 23 0.66 -2.39 -0.16
N GLN A 24 0.56 -3.20 0.90
CA GLN A 24 -0.71 -3.45 1.60
C GLN A 24 -0.65 -3.14 3.10
N CYS A 25 -1.80 -2.77 3.65
CA CYS A 25 -2.05 -2.64 5.07
C CYS A 25 -1.98 -4.02 5.77
N ARG A 26 -1.31 -4.09 6.93
CA ARG A 26 -1.17 -5.37 7.68
C ARG A 26 -2.49 -5.88 8.29
N HIS A 27 -3.44 -4.99 8.57
CA HIS A 27 -4.69 -5.32 9.26
C HIS A 27 -5.80 -5.80 8.29
N CYS A 28 -6.11 -4.99 7.27
CA CYS A 28 -7.23 -5.23 6.35
C CYS A 28 -6.81 -5.82 4.98
N GLU A 29 -5.51 -6.02 4.74
CA GLU A 29 -4.88 -6.57 3.53
C GLU A 29 -5.06 -5.76 2.23
N ARG A 30 -5.83 -4.67 2.25
CA ARG A 30 -6.09 -3.82 1.07
C ARG A 30 -4.79 -3.19 0.54
N TRP A 31 -4.67 -3.18 -0.78
CA TRP A 31 -3.50 -2.70 -1.52
C TRP A 31 -3.66 -1.26 -2.00
N MET A 32 -2.53 -0.56 -2.11
CA MET A 32 -2.39 0.80 -2.62
C MET A 32 -1.00 0.99 -3.24
N HIS A 33 -0.86 1.93 -4.17
CA HIS A 33 0.43 2.21 -4.80
C HIS A 33 1.40 2.88 -3.83
N ALA A 34 2.69 2.75 -4.09
CA ALA A 34 3.72 3.35 -3.26
C ALA A 34 3.70 4.89 -3.31
N GLY A 35 3.50 5.49 -4.50
CA GLY A 35 3.46 6.93 -4.71
C GLY A 35 2.30 7.65 -3.99
N CYS A 36 1.10 7.07 -4.00
CA CYS A 36 -0.07 7.59 -3.27
C CYS A 36 0.00 7.38 -1.74
N GLU A 37 1.13 6.90 -1.23
CA GLU A 37 1.50 6.81 0.19
C GLU A 37 2.85 7.50 0.50
N SER A 38 3.38 8.29 -0.45
CA SER A 38 4.67 8.99 -0.35
C SER A 38 5.88 8.07 -0.10
N LEU A 39 5.77 6.80 -0.50
CA LEU A 39 6.85 5.82 -0.53
C LEU A 39 7.50 5.86 -1.92
N PHE A 40 8.43 6.80 -2.10
CA PHE A 40 9.00 7.15 -3.40
C PHE A 40 9.96 6.10 -4.03
N THR A 41 10.27 5.02 -3.31
CA THR A 41 11.12 3.91 -3.76
C THR A 41 10.63 2.55 -3.26
N GLU A 42 11.09 1.46 -3.88
CA GLU A 42 10.86 0.10 -3.37
C GLU A 42 11.54 -0.12 -2.00
N ASP A 43 12.64 0.57 -1.72
CA ASP A 43 13.29 0.56 -0.39
C ASP A 43 12.43 1.23 0.69
N ASP A 44 11.75 2.34 0.39
CA ASP A 44 10.76 2.95 1.29
C ASP A 44 9.58 2.02 1.56
N VAL A 45 9.09 1.30 0.55
CA VAL A 45 8.06 0.26 0.70
C VAL A 45 8.54 -0.93 1.54
N GLU A 46 9.76 -1.44 1.32
CA GLU A 46 10.35 -2.50 2.14
C GLU A 46 10.49 -2.06 3.61
N GLN A 47 10.95 -0.83 3.84
CA GLN A 47 10.98 -0.21 5.16
C GLN A 47 9.58 -0.11 5.78
N ALA A 48 8.56 0.33 5.03
CA ALA A 48 7.20 0.47 5.52
C ALA A 48 6.57 -0.89 5.89
N ALA A 49 6.85 -1.93 5.10
CA ALA A 49 6.41 -3.30 5.35
C ALA A 49 7.10 -3.88 6.61
N ASP A 50 8.41 -3.70 6.75
CA ASP A 50 9.18 -4.17 7.91
C ASP A 50 8.78 -3.45 9.22
N GLU A 51 8.38 -2.19 9.11
CA GLU A 51 7.81 -1.39 10.22
C GLU A 51 6.35 -1.73 10.55
N GLY A 52 5.68 -2.49 9.69
CA GLY A 52 4.26 -2.85 9.80
C GLY A 52 3.33 -1.72 9.32
N PHE A 53 2.98 -1.74 8.04
CA PHE A 53 2.20 -0.67 7.39
C PHE A 53 0.70 -0.69 7.77
N ASP A 54 0.02 0.45 7.61
CA ASP A 54 -1.44 0.57 7.72
C ASP A 54 -2.04 1.61 6.75
N CYS A 55 -3.21 1.29 6.17
CA CYS A 55 -3.95 2.21 5.32
C CYS A 55 -4.58 3.38 6.11
N VAL A 56 -5.20 4.27 5.35
CA VAL A 56 -5.90 5.43 5.89
C VAL A 56 -7.14 5.04 6.70
N SER A 57 -7.89 4.02 6.24
CA SER A 57 -9.13 3.54 6.89
C SER A 57 -8.87 2.92 8.27
N CYS A 58 -7.66 2.42 8.52
CA CYS A 58 -7.28 1.75 9.74
C CYS A 58 -6.91 2.74 10.87
N GLN A 59 -6.60 4.00 10.53
CA GLN A 59 -6.34 5.03 11.54
C GLN A 59 -7.61 5.32 12.37
N PRO A 60 -8.82 5.53 11.77
CA PRO A 60 -10.08 5.58 12.51
C PRO A 60 -10.52 4.23 13.10
N TYR A 61 -10.33 3.11 12.39
CA TYR A 61 -10.83 1.79 12.82
C TYR A 61 -9.95 1.13 13.91
N VAL A 62 -8.85 0.48 13.53
CA VAL A 62 -8.05 -0.37 14.45
C VAL A 62 -7.09 0.41 15.36
N VAL A 63 -6.44 1.46 14.86
CA VAL A 63 -5.56 2.35 15.67
C VAL A 63 -6.40 3.26 16.58
N LYS A 64 -7.65 3.52 16.17
CA LYS A 64 -8.69 4.28 16.86
C LYS A 64 -8.21 5.65 17.36
CA LYS B 3 4.96 -10.93 -1.48
C LYS B 3 4.18 -11.89 -0.60
N GLY B 4 4.09 -11.65 0.71
CA GLY B 4 4.63 -10.50 1.45
C GLY B 4 3.80 -9.20 1.32
N GLY B 5 4.21 -8.15 2.02
CA GLY B 5 3.51 -6.86 2.10
C GLY B 5 3.68 -5.92 0.91
N ALA B 6 4.51 -6.29 -0.09
CA ALA B 6 4.87 -5.46 -1.24
C ALA B 6 4.71 -6.23 -2.58
OH ALY B 7 -1.85 -10.06 -6.21
CH ALY B 7 -2.00 -9.50 -5.12
CH3 ALY B 7 -3.24 -9.71 -4.31
NZ ALY B 7 -1.08 -8.70 -4.57
CE ALY B 7 0.27 -8.50 -5.08
CD ALY B 7 0.38 -7.19 -5.90
CG ALY B 7 1.85 -6.83 -6.18
CB ALY B 7 2.52 -6.23 -4.93
CA ALY B 7 4.04 -6.06 -4.98
N ALY B 7 4.44 -5.50 -3.67
C ALY B 7 4.50 -5.17 -6.16
O ALY B 7 4.50 -3.95 -6.05
HH31 ALY B 7 -3.01 -10.34 -3.45
HH32 ALY B 7 -4.00 -10.19 -4.92
HH33 ALY B 7 -3.62 -8.75 -3.96
HZ ALY B 7 -1.31 -8.27 -3.70
HE3 ALY B 7 0.94 -8.46 -4.23
HE2 ALY B 7 0.59 -9.34 -5.70
HD3 ALY B 7 -0.15 -7.34 -6.85
HD2 ALY B 7 -0.10 -6.37 -5.36
HG3 ALY B 7 2.39 -7.72 -6.51
HG2 ALY B 7 1.88 -6.09 -6.98
HB3 ALY B 7 2.05 -5.27 -4.72
HB2 ALY B 7 2.31 -6.89 -4.09
HA ALY B 7 4.50 -7.04 -5.10
H ALY B 7 4.38 -4.49 -3.56
N ARG B 8 4.87 -5.77 -7.29
CA ARG B 8 5.36 -5.06 -8.50
C ARG B 8 4.96 -5.80 -9.78
N HIS B 9 4.69 -5.05 -10.86
CA HIS B 9 4.43 -5.61 -12.21
C HIS B 9 5.67 -6.30 -12.81
N ARG B 10 5.44 -7.28 -13.71
CA ARG B 10 6.48 -8.04 -14.39
ZN ZN C . -3.07 4.90 -5.80
ZN ZN D . -6.15 -1.09 6.64
N SER A 5 -9.55 -3.91 -3.74
CA SER A 5 -8.37 -3.05 -3.68
C SER A 5 -7.29 -3.42 -4.70
N LEU A 6 -7.39 -4.62 -5.29
CA LEU A 6 -6.57 -5.11 -6.41
C LEU A 6 -7.14 -4.73 -7.80
N VAL A 7 -8.26 -3.99 -7.83
CA VAL A 7 -8.99 -3.61 -9.08
C VAL A 7 -9.37 -2.12 -9.13
N THR A 8 -9.28 -1.39 -8.00
CA THR A 8 -9.64 0.02 -7.84
C THR A 8 -8.80 0.58 -6.71
N CYS A 9 -8.23 1.75 -6.95
CA CYS A 9 -7.58 2.58 -5.95
C CYS A 9 -8.48 3.80 -5.64
N PRO A 10 -9.27 3.79 -4.56
CA PRO A 10 -10.07 4.94 -4.12
C PRO A 10 -9.26 6.22 -3.86
N ILE A 11 -7.93 6.11 -3.67
CA ILE A 11 -7.07 7.28 -3.47
C ILE A 11 -6.85 8.02 -4.82
N CYS A 12 -6.63 7.25 -5.88
CA CYS A 12 -6.44 7.75 -7.25
C CYS A 12 -7.79 7.96 -8.01
N HIS A 13 -8.91 7.51 -7.45
CA HIS A 13 -10.25 7.40 -8.08
C HIS A 13 -10.31 6.38 -9.23
N ALA A 14 -9.65 5.23 -9.01
CA ALA A 14 -9.67 4.01 -9.82
C ALA A 14 -8.93 3.91 -11.19
N PRO A 15 -7.98 4.80 -11.60
CA PRO A 15 -7.15 4.57 -12.77
C PRO A 15 -6.04 3.53 -12.43
N TYR A 16 -6.40 2.26 -12.36
CA TYR A 16 -5.55 1.17 -11.87
C TYR A 16 -4.47 0.75 -12.90
N VAL A 17 -3.46 1.62 -13.08
CA VAL A 17 -2.28 1.39 -13.92
C VAL A 17 -1.44 0.24 -13.35
N GLU A 18 -1.15 -0.77 -14.17
CA GLU A 18 -0.53 -2.02 -13.72
C GLU A 18 0.94 -1.89 -13.30
N GLU A 19 1.76 -1.13 -14.04
CA GLU A 19 3.21 -1.05 -13.80
C GLU A 19 3.62 -0.16 -12.59
N ASP A 20 2.66 0.53 -11.95
CA ASP A 20 2.87 1.23 -10.68
C ASP A 20 2.88 0.24 -9.51
N LEU A 21 3.96 0.23 -8.71
CA LEU A 21 4.12 -0.73 -7.60
C LEU A 21 3.18 -0.44 -6.41
N LEU A 22 2.80 -1.48 -5.68
CA LEU A 22 1.77 -1.45 -4.64
C LEU A 22 2.24 -2.05 -3.31
N ILE A 23 1.54 -1.69 -2.24
CA ILE A 23 1.73 -2.14 -0.85
C ILE A 23 0.37 -2.37 -0.18
N GLN A 24 0.29 -3.29 0.78
CA GLN A 24 -0.91 -3.57 1.57
C GLN A 24 -0.75 -3.30 3.07
N CYS A 25 -1.87 -3.04 3.74
CA CYS A 25 -1.96 -2.96 5.19
C CYS A 25 -1.53 -4.27 5.91
N ARG A 26 -0.87 -4.12 7.07
CA ARG A 26 -0.42 -5.18 7.99
C ARG A 26 -1.51 -6.12 8.50
N HIS A 27 -2.78 -5.68 8.50
CA HIS A 27 -3.91 -6.42 9.09
C HIS A 27 -5.08 -6.58 8.13
N CYS A 28 -5.56 -5.46 7.56
CA CYS A 28 -6.74 -5.42 6.69
C CYS A 28 -6.45 -5.98 5.27
N GLU A 29 -5.15 -6.09 4.90
CA GLU A 29 -4.63 -6.57 3.62
C GLU A 29 -4.99 -5.73 2.37
N ARG A 30 -5.70 -4.61 2.54
CA ARG A 30 -6.12 -3.72 1.45
C ARG A 30 -4.90 -3.12 0.74
N TRP A 31 -4.85 -3.26 -0.58
CA TRP A 31 -3.78 -2.77 -1.44
C TRP A 31 -3.96 -1.31 -1.90
N MET A 32 -2.85 -0.62 -2.16
CA MET A 32 -2.77 0.69 -2.81
C MET A 32 -1.39 0.91 -3.43
N HIS A 33 -1.27 1.79 -4.41
CA HIS A 33 0.04 2.15 -4.97
C HIS A 33 0.93 2.80 -3.91
N ALA A 34 2.25 2.70 -4.07
CA ALA A 34 3.19 3.40 -3.18
C ALA A 34 3.07 4.95 -3.31
N GLY A 35 2.95 5.46 -4.55
CA GLY A 35 2.97 6.90 -4.83
C GLY A 35 1.80 7.71 -4.22
N CYS A 36 0.61 7.12 -4.09
CA CYS A 36 -0.56 7.75 -3.45
C CYS A 36 -0.49 7.76 -1.90
N GLU A 37 0.57 7.19 -1.30
CA GLU A 37 0.91 7.27 0.13
C GLU A 37 2.35 7.77 0.36
N SER A 38 2.91 8.52 -0.60
CA SER A 38 4.25 9.16 -0.53
C SER A 38 5.40 8.17 -0.26
N LEU A 39 5.26 6.94 -0.74
CA LEU A 39 6.21 5.83 -0.64
C LEU A 39 6.85 5.59 -2.02
N PHE A 40 8.15 5.27 -2.08
CA PHE A 40 8.90 5.24 -3.35
C PHE A 40 9.63 3.92 -3.66
N THR A 41 10.94 3.81 -3.38
CA THR A 41 11.81 2.70 -3.82
C THR A 41 11.45 1.36 -3.16
N GLU A 42 11.91 0.23 -3.72
CA GLU A 42 11.70 -1.08 -3.09
C GLU A 42 12.38 -1.20 -1.71
N ASP A 43 13.46 -0.45 -1.47
CA ASP A 43 14.08 -0.36 -0.14
C ASP A 43 13.22 0.44 0.86
N ASP A 44 12.67 1.58 0.43
CA ASP A 44 11.73 2.41 1.20
C ASP A 44 10.43 1.64 1.52
N VAL A 45 9.93 0.89 0.54
CA VAL A 45 8.79 -0.02 0.64
C VAL A 45 9.06 -1.20 1.59
N GLU A 46 10.21 -1.84 1.52
CA GLU A 46 10.60 -2.89 2.48
C GLU A 46 10.72 -2.33 3.91
N GLN A 47 11.28 -1.12 4.06
CA GLN A 47 11.26 -0.38 5.33
C GLN A 47 9.83 -0.16 5.83
N ALA A 48 8.89 0.25 4.96
CA ALA A 48 7.49 0.44 5.35
C ALA A 48 6.78 -0.87 5.72
N ALA A 49 7.11 -1.98 5.06
CA ALA A 49 6.61 -3.31 5.41
C ALA A 49 7.14 -3.78 6.78
N ASP A 50 8.43 -3.60 7.06
CA ASP A 50 9.04 -3.94 8.36
C ASP A 50 8.51 -3.04 9.50
N GLU A 51 8.17 -1.80 9.17
CA GLU A 51 7.50 -0.84 10.09
C GLU A 51 5.99 -1.09 10.26
N GLY A 52 5.43 -2.02 9.49
CA GLY A 52 4.01 -2.42 9.58
C GLY A 52 3.06 -1.38 8.99
N PHE A 53 3.20 -1.08 7.69
CA PHE A 53 2.31 -0.22 6.89
C PHE A 53 0.82 -0.51 7.15
N ASP A 54 -0.01 0.53 7.08
CA ASP A 54 -1.43 0.47 7.43
C ASP A 54 -2.33 1.33 6.56
N CYS A 55 -3.56 0.87 6.37
CA CYS A 55 -4.63 1.62 5.76
C CYS A 55 -5.39 2.52 6.77
N VAL A 56 -6.73 2.54 6.69
CA VAL A 56 -7.56 3.51 7.42
C VAL A 56 -8.41 2.90 8.54
N SER A 57 -9.02 1.72 8.33
CA SER A 57 -9.90 1.06 9.32
C SER A 57 -9.15 0.60 10.59
N CYS A 58 -7.85 0.39 10.46
CA CYS A 58 -6.94 -0.03 11.51
C CYS A 58 -6.57 1.10 12.49
N GLN A 59 -6.65 2.36 12.05
CA GLN A 59 -6.40 3.51 12.93
C GLN A 59 -7.31 3.52 14.19
N PRO A 60 -8.64 3.30 14.10
CA PRO A 60 -9.48 3.07 15.27
C PRO A 60 -9.40 1.64 15.83
N TYR A 61 -9.36 0.58 14.99
CA TYR A 61 -9.53 -0.79 15.49
C TYR A 61 -8.26 -1.61 15.82
N VAL A 62 -7.08 -1.33 15.23
CA VAL A 62 -5.84 -2.11 15.43
C VAL A 62 -4.56 -1.30 15.21
N VAL A 63 -4.23 -0.44 16.19
CA VAL A 63 -2.91 0.23 16.24
C VAL A 63 -1.79 -0.77 16.57
N LYS A 64 -0.59 -0.59 15.99
CA LYS A 64 0.56 -1.48 16.24
C LYS A 64 1.12 -1.37 17.67
CA LYS B 3 8.99 -6.88 1.76
C LYS B 3 7.79 -7.62 1.20
N GLY B 4 7.33 -8.66 1.91
CA GLY B 4 6.22 -9.52 1.49
C GLY B 4 4.84 -8.82 1.38
N GLY B 5 4.68 -7.67 2.04
CA GLY B 5 3.51 -6.79 1.93
C GLY B 5 3.45 -5.92 0.68
N ALA B 6 4.35 -6.11 -0.29
CA ALA B 6 4.46 -5.30 -1.50
C ALA B 6 4.56 -6.13 -2.80
OH ALY B 7 0.12 -10.24 -5.70
CH ALY B 7 -0.93 -9.67 -6.02
CH3 ALY B 7 -2.25 -10.37 -5.79
NZ ALY B 7 -0.98 -8.47 -6.56
CE ALY B 7 0.18 -7.62 -6.82
CD ALY B 7 0.41 -6.67 -5.64
CG ALY B 7 1.73 -5.89 -5.71
CB ALY B 7 2.97 -6.80 -5.63
CA ALY B 7 4.29 -6.08 -5.29
N ALY B 7 4.21 -5.50 -3.94
C ALY B 7 4.69 -5.03 -6.33
O ALY B 7 4.14 -3.93 -6.34
HH31 ALY B 7 -2.82 -9.82 -5.04
HH32 ALY B 7 -2.08 -11.39 -5.45
HH33 ALY B 7 -2.82 -10.38 -6.73
HZ ALY B 7 -1.89 -8.10 -6.80
HE3 ALY B 7 1.06 -8.24 -6.97
HE2 ALY B 7 0.01 -7.03 -7.73
HD3 ALY B 7 -0.42 -5.96 -5.60
HD2 ALY B 7 0.39 -7.25 -4.72
HG3 ALY B 7 1.76 -5.31 -6.64
HG2 ALY B 7 1.75 -5.19 -4.88
HB3 ALY B 7 2.79 -7.56 -4.87
HB2 ALY B 7 3.09 -7.31 -6.59
HA ALY B 7 5.07 -6.84 -5.29
H ALY B 7 3.90 -4.54 -3.86
N ARG B 8 5.64 -5.35 -7.22
CA ARG B 8 6.21 -4.38 -8.20
C ARG B 8 5.24 -3.98 -9.32
N HIS B 9 4.19 -4.77 -9.55
CA HIS B 9 3.12 -4.51 -10.52
C HIS B 9 1.80 -5.17 -10.09
N ARG B 10 0.68 -4.63 -10.55
CA ARG B 10 -0.67 -5.10 -10.27
ZN ZN C . -3.45 4.92 -5.92
ZN ZN D . -5.63 -1.36 7.67
#